data_4UV9
#
_entry.id   4UV9
#
_cell.length_a   118.300
_cell.length_b   178.560
_cell.length_c   234.020
_cell.angle_alpha   90.00
_cell.angle_beta   90.00
_cell.angle_gamma   90.00
#
_symmetry.space_group_name_H-M   'I 2 2 2'
#
loop_
_entity.id
_entity.type
_entity.pdbx_description
1 polymer 'LYSINE-SPECIFIC HISTONE DEMETHYLASE 1A'
2 polymer 'REST COREPRESSOR 1'
3 non-polymer '[(2R,3S,4R,5R)-5-(6-amino-9H-purin-9-yl)-3,4-dihydroxytetrahydrofuran-2-yl]methyl (2R,3S,4S)-2,3,4-trihydroxy-5-[(4aS,10aS)-4a-[(1S,3E)-3-imino-1-phenylpentyl]-7,8-dimethyl-2,4-dioxo-1,3,4,4a,5,10a-hexahydrobenzo[g]pteridin-10(2H)-yl]pentyl dihydrogen diphosphate'
#
loop_
_entity_poly.entity_id
_entity_poly.type
_entity_poly.pdbx_seq_one_letter_code
_entity_poly.pdbx_strand_id
1 'polypeptide(L)'
;MLSGKKAAAAAAAAAAAATGTEAGPGTAGGSENGSEVAAQPAGLSGPAEVGPGAVGERTPRKKEPPRASPPGGLAEPPGS
AGPQAGPTVVPGSATPMETGIAETPEGRRTSRRKRAKVEYREMDESLANLSEDEYYSEEERNAKAEKEKKLPPPPPQAPP
EEENESEPEEPSGQAGGLQDDSSGGYGDGQPSGVEGAAFQSRLPHDRMTSQEAACFPDIISGPQQTQKVFLFIRNRTLQL
WLDNPKIQLTFEATLQQLEAPYNSDTVLVHRVHSYLERHGLINFGIYKRIKPLPTKKTGKVIIIGSGVSGLAAARQLQSF
GMDVTLLEARDRVGGRVATFRKGNYVADLGAMVVTGLGGNPMAVVSKQVNMELAKIKQKCPLYEANGQAVPKEKDEMVEQ
EFNRLLEATSYLSHQLDFNVLNNKPVSLGQALEVVIQLQEKHVKDEQIEHWKKIVKTQEELKELLNKMVNLKEKIKELHQ
QYKEASEVKPPRDITAEFLVKSKHRDLTALCKEYDELAETQGKLEEKLQELEANPPSDVYLSSRDRQILDWHFANLEFAN
ATPLSTLSLKHWDQDDDFEFTGSHLTVRNGYSCVPVALAEGLDIKLNTAVRQVRYTASGCEVIAVNTRSTSQTFIYKCDA
VLCTLPLGVLKQQPPAVQFVPPLPEWKTSAVQRMGFGNLNKVVLCFDRVFWDPSVNLFGHVGSTTASRGELFLFWNLYKA
PILLALVAGEAAGIMENISDDVIVGRCLAILKGIFGSSAVPQPKETVVSRWRADPWARGSYSYVAAGSSGNDYDLMAQPI
TPGPSIPGAPQPIPRLFFAGEHTIRNYPATVHGALLSGLREAGRIADQFLGAMYTLPRQATPGVPAQQSPSM
;
A
2 'polypeptide(L)'
;MVEKGPEVSGKRRGRNNAAASASAAAASAAASAACASPAATAASGAAASSASAAAASAAAAPNNGQNKSLAAAAPNGNSS
SNSWEEGSSGSSSDEEHGGGGMRVGPQYQAVVPDFDPAKLARRSQERDNLGMLVWSPNQNLSEAKLDEYIAIAKEKHGYN
MEQALGMLFWHKHNIEKSLADLPNFTPFPDEWTVEDKVLFEQAFSFHGKTFHRIQQMLPDKSIASLVKFYYSWKKTRTKT
SVMDRHARKQKREREESEDELEEANGNNPIDIEVDQNKESKKEVPPTETVPQVKKEKHSTQAKNRAKRKPPKGMFLSQED
VEAVSANATAATTVLRQLDMELVSVKRQIQNIKQTNSALKEKLDGGIEPYRLPEVIQKCNARWTTEEQLLAVQAIRKYGR
DFQAISDVIGNKSVVQVKNFFVNYRRRFNIDEVLQEWEAEHGKEETNGPSNQKPVKSPDNSIKMPEEEDEAPVLDVRYAS
AS
;
B
#
loop_
_chem_comp.id
_chem_comp.type
_chem_comp.name
_chem_comp.formula
D70 non-polymer '[(2R,3S,4R,5R)-5-(6-amino-9H-purin-9-yl)-3,4-dihydroxytetrahydrofuran-2-yl]methyl (2R,3S,4S)-2,3,4-trihydroxy-5-[(4aS,10aS)-4a-[(1S,3E)-3-imino-1-phenylpentyl]-7,8-dimethyl-2,4-dioxo-1,3,4,4a,5,10a-hexahydrobenzo[g]pteridin-10(2H)-yl]pentyl dihydrogen diphosphate' 'C38 H50 N10 O15 P2'
#
# COMPACT_ATOMS: atom_id res chain seq x y z
N PRO A 191 -11.68 20.42 -15.74
CA PRO A 191 -12.88 20.66 -16.53
C PRO A 191 -13.44 22.08 -16.32
N SER A 192 -14.08 22.64 -17.35
CA SER A 192 -14.64 24.00 -17.31
C SER A 192 -15.95 24.18 -18.09
N GLY A 193 -16.55 25.35 -17.95
CA GLY A 193 -17.85 25.63 -18.55
C GLY A 193 -18.98 25.11 -17.69
N VAL A 194 -20.04 24.63 -18.33
CA VAL A 194 -21.15 24.01 -17.61
C VAL A 194 -20.74 22.64 -17.06
N GLU A 195 -19.77 22.01 -17.72
CA GLU A 195 -19.31 20.67 -17.33
C GLU A 195 -18.36 20.71 -16.14
N GLY A 196 -17.69 21.85 -15.96
CA GLY A 196 -16.85 22.07 -14.79
C GLY A 196 -17.70 22.17 -13.55
N ALA A 197 -18.83 22.87 -13.69
CA ALA A 197 -19.81 23.02 -12.63
C ALA A 197 -20.38 21.68 -12.14
N ALA A 198 -20.65 20.77 -13.07
CA ALA A 198 -21.12 19.43 -12.73
C ALA A 198 -20.05 18.66 -11.94
N PHE A 199 -18.82 18.74 -12.45
CA PHE A 199 -17.67 18.12 -11.80
C PHE A 199 -17.43 18.70 -10.41
N GLN A 200 -17.42 20.02 -10.32
CA GLN A 200 -17.21 20.74 -9.06
C GLN A 200 -18.34 20.45 -8.06
N SER A 201 -19.49 20.02 -8.58
CA SER A 201 -20.62 19.60 -7.74
C SER A 201 -20.71 18.08 -7.60
N ARG A 202 -19.63 17.38 -7.94
CA ARG A 202 -19.51 15.92 -7.81
C ARG A 202 -20.55 15.14 -8.60
N LEU A 203 -20.97 15.69 -9.74
CA LEU A 203 -21.99 15.07 -10.59
C LEU A 203 -21.45 14.82 -12.01
N PRO A 204 -21.81 13.67 -12.61
CA PRO A 204 -21.50 13.45 -14.02
C PRO A 204 -22.27 14.44 -14.89
N HIS A 205 -21.54 15.20 -15.71
CA HIS A 205 -22.12 16.29 -16.54
C HIS A 205 -23.04 15.81 -17.63
N ASP A 206 -22.91 14.54 -18.00
CA ASP A 206 -23.60 13.98 -19.15
C ASP A 206 -24.42 12.75 -18.81
N ARG A 207 -24.83 12.66 -17.55
CA ARG A 207 -25.62 11.54 -17.08
C ARG A 207 -26.43 11.95 -15.85
N MET A 208 -27.67 11.49 -15.79
CA MET A 208 -28.53 11.76 -14.64
C MET A 208 -28.20 10.80 -13.50
N THR A 209 -28.09 11.34 -12.30
CA THR A 209 -27.75 10.54 -11.11
C THR A 209 -28.96 9.75 -10.64
N SER A 210 -28.71 8.72 -9.81
CA SER A 210 -29.78 7.96 -9.17
C SER A 210 -30.78 8.86 -8.44
N GLN A 211 -30.24 9.85 -7.73
CA GLN A 211 -31.07 10.85 -7.04
C GLN A 211 -31.97 11.62 -8.00
N GLU A 212 -31.41 12.01 -9.15
CA GLU A 212 -32.16 12.73 -10.17
C GLU A 212 -33.25 11.87 -10.80
N ALA A 213 -32.93 10.60 -11.03
CA ALA A 213 -33.92 9.63 -11.53
C ALA A 213 -35.13 9.55 -10.60
N ALA A 214 -34.89 9.63 -9.30
CA ALA A 214 -35.96 9.57 -8.29
C ALA A 214 -36.92 10.75 -8.37
N CYS A 215 -36.37 11.96 -8.57
CA CYS A 215 -37.19 13.17 -8.64
C CYS A 215 -37.77 13.45 -10.04
N PHE A 216 -37.06 13.01 -11.07
CA PHE A 216 -37.43 13.29 -12.45
C PHE A 216 -37.63 12.00 -13.25
N PRO A 217 -38.50 11.09 -12.78
CA PRO A 217 -38.61 9.80 -13.46
C PRO A 217 -39.28 9.93 -14.83
N ASP A 218 -40.07 10.98 -15.00
CA ASP A 218 -40.63 11.35 -16.30
C ASP A 218 -39.53 11.56 -17.33
N ILE A 219 -38.50 12.31 -16.93
CA ILE A 219 -37.38 12.67 -17.80
C ILE A 219 -36.45 11.49 -18.11
N ILE A 220 -35.94 10.83 -17.07
CA ILE A 220 -34.94 9.78 -17.25
C ILE A 220 -35.48 8.54 -17.97
N SER A 221 -36.77 8.25 -17.83
CA SER A 221 -37.38 7.16 -18.56
C SER A 221 -37.84 7.65 -19.93
N GLY A 222 -37.89 8.97 -20.08
CA GLY A 222 -38.35 9.61 -21.32
C GLY A 222 -37.29 9.65 -22.41
N PRO A 223 -37.54 10.48 -23.45
CA PRO A 223 -36.63 10.59 -24.60
C PRO A 223 -35.28 11.25 -24.30
N GLN A 224 -34.25 10.78 -24.99
CA GLN A 224 -32.86 11.24 -24.85
C GLN A 224 -32.68 12.74 -25.03
N GLN A 225 -33.52 13.34 -25.88
CA GLN A 225 -33.46 14.76 -26.15
C GLN A 225 -33.71 15.55 -24.87
N THR A 226 -34.82 15.24 -24.18
CA THR A 226 -35.22 15.96 -22.98
C THR A 226 -34.18 15.82 -21.86
N GLN A 227 -33.59 14.63 -21.75
CA GLN A 227 -32.54 14.36 -20.77
C GLN A 227 -31.38 15.35 -20.89
N LYS A 228 -30.95 15.61 -22.13
CA LYS A 228 -29.87 16.53 -22.40
C LYS A 228 -30.26 17.99 -22.13
N VAL A 229 -31.53 18.30 -22.33
CA VAL A 229 -32.08 19.61 -21.96
C VAL A 229 -31.99 19.73 -20.45
N PHE A 230 -32.46 18.69 -19.76
CA PHE A 230 -32.44 18.62 -18.31
C PHE A 230 -31.02 18.80 -17.78
N LEU A 231 -30.10 17.98 -18.30
CA LEU A 231 -28.72 17.98 -17.86
C LEU A 231 -28.07 19.34 -18.00
N PHE A 232 -28.36 20.01 -19.11
CA PHE A 232 -27.84 21.37 -19.34
C PHE A 232 -28.40 22.37 -18.34
N ILE A 233 -29.72 22.35 -18.14
CA ILE A 233 -30.37 23.27 -17.21
C ILE A 233 -29.75 23.11 -15.82
N ARG A 234 -29.58 21.85 -15.39
CA ARG A 234 -28.94 21.52 -14.12
C ARG A 234 -27.51 22.05 -14.06
N ASN A 235 -26.69 21.66 -15.04
CA ASN A 235 -25.29 22.10 -15.13
C ASN A 235 -25.13 23.61 -15.20
N ARG A 236 -26.04 24.26 -15.93
CA ARG A 236 -26.03 25.70 -16.10
C ARG A 236 -26.35 26.41 -14.78
N THR A 237 -27.38 25.94 -14.09
CA THR A 237 -27.79 26.53 -12.81
C THR A 237 -26.68 26.37 -11.77
N LEU A 238 -26.07 25.19 -11.74
CA LEU A 238 -24.93 24.92 -10.87
C LEU A 238 -23.82 25.93 -11.13
N GLN A 239 -23.47 26.10 -12.41
CA GLN A 239 -22.47 27.08 -12.84
C GLN A 239 -22.80 28.46 -12.29
N LEU A 240 -24.03 28.90 -12.51
CA LEU A 240 -24.48 30.21 -12.04
C LEU A 240 -24.28 30.38 -10.53
N TRP A 241 -24.64 29.36 -9.76
CA TRP A 241 -24.43 29.38 -8.32
C TRP A 241 -22.96 29.39 -7.99
N LEU A 242 -22.19 28.54 -8.68
CA LEU A 242 -20.77 28.40 -8.41
C LEU A 242 -19.96 29.65 -8.77
N ASP A 243 -20.40 30.34 -9.82
CA ASP A 243 -19.76 31.58 -10.25
C ASP A 243 -19.89 32.69 -9.20
N ASN A 244 -20.95 32.62 -8.41
CA ASN A 244 -21.19 33.60 -7.37
C ASN A 244 -21.91 32.98 -6.17
N PRO A 245 -21.14 32.38 -5.24
CA PRO A 245 -21.73 31.72 -4.09
C PRO A 245 -21.94 32.64 -2.89
N LYS A 246 -21.78 33.95 -3.09
CA LYS A 246 -22.00 34.93 -2.02
C LYS A 246 -23.41 35.54 -2.02
N ILE A 247 -24.19 35.24 -3.06
CA ILE A 247 -25.59 35.67 -3.13
C ILE A 247 -26.50 34.50 -3.54
N GLN A 248 -27.72 34.50 -3.03
CA GLN A 248 -28.70 33.46 -3.32
C GLN A 248 -29.06 33.45 -4.80
N LEU A 249 -29.15 32.26 -5.39
CA LEU A 249 -29.59 32.13 -6.77
C LEU A 249 -31.05 31.69 -6.82
N THR A 250 -31.91 32.62 -7.22
CA THR A 250 -33.36 32.43 -7.25
C THR A 250 -33.79 31.80 -8.56
N PHE A 251 -35.01 31.26 -8.59
CA PHE A 251 -35.58 30.69 -9.81
C PHE A 251 -35.66 31.73 -10.92
N GLU A 252 -36.03 32.96 -10.54
CA GLU A 252 -36.11 34.09 -11.47
C GLU A 252 -34.75 34.38 -12.11
N ALA A 253 -33.74 34.61 -11.27
CA ALA A 253 -32.37 34.86 -11.71
C ALA A 253 -31.85 33.75 -12.63
N THR A 254 -32.19 32.51 -12.30
CA THR A 254 -31.79 31.34 -13.10
C THR A 254 -32.42 31.38 -14.49
N LEU A 255 -33.75 31.51 -14.53
CA LEU A 255 -34.50 31.53 -15.79
C LEU A 255 -34.08 32.71 -16.66
N GLN A 256 -33.79 33.84 -16.00
CA GLN A 256 -33.33 35.05 -16.67
C GLN A 256 -32.09 34.80 -17.52
N GLN A 257 -31.12 34.06 -16.98
CA GLN A 257 -29.85 33.83 -17.66
C GLN A 257 -29.80 32.55 -18.50
N LEU A 258 -30.94 31.89 -18.65
CA LEU A 258 -31.04 30.75 -19.54
C LEU A 258 -31.43 31.16 -20.96
N GLU A 259 -31.04 30.33 -21.93
CA GLU A 259 -31.29 30.61 -23.34
C GLU A 259 -32.33 29.67 -23.93
N ALA A 260 -32.93 30.07 -25.05
CA ALA A 260 -33.74 29.16 -25.85
C ALA A 260 -32.80 28.10 -26.45
N PRO A 261 -33.25 26.85 -26.57
CA PRO A 261 -34.59 26.30 -26.25
C PRO A 261 -34.80 25.97 -24.76
N TYR A 262 -33.79 26.22 -23.93
CA TYR A 262 -33.80 25.78 -22.53
C TYR A 262 -34.73 26.59 -21.63
N ASN A 263 -34.74 27.91 -21.82
CA ASN A 263 -35.60 28.79 -21.02
C ASN A 263 -37.07 28.80 -21.46
N SER A 264 -37.41 27.93 -22.40
CA SER A 264 -38.78 27.82 -22.91
C SER A 264 -39.69 27.13 -21.91
N ASP A 265 -39.33 25.92 -21.49
CA ASP A 265 -40.10 25.16 -20.51
C ASP A 265 -39.75 25.63 -19.09
N THR A 266 -40.67 26.36 -18.46
CA THR A 266 -40.38 26.93 -17.15
C THR A 266 -40.73 25.98 -15.99
N VAL A 267 -41.71 25.10 -16.18
CA VAL A 267 -42.00 24.09 -15.16
C VAL A 267 -40.82 23.10 -14.99
N LEU A 268 -40.06 22.90 -16.05
CA LEU A 268 -38.82 22.13 -15.97
C LEU A 268 -37.74 22.90 -15.23
N VAL A 269 -37.46 24.13 -15.68
CA VAL A 269 -36.48 25.00 -15.02
C VAL A 269 -36.79 25.14 -13.53
N HIS A 270 -38.07 25.29 -13.21
CA HIS A 270 -38.48 25.46 -11.81
C HIS A 270 -38.26 24.20 -11.01
N ARG A 271 -38.63 23.05 -11.60
CA ARG A 271 -38.38 21.75 -10.98
C ARG A 271 -36.90 21.55 -10.68
N VAL A 272 -36.06 21.80 -11.69
CA VAL A 272 -34.61 21.63 -11.57
C VAL A 272 -34.02 22.54 -10.48
N HIS A 273 -34.30 23.84 -10.56
CA HIS A 273 -33.80 24.78 -9.57
C HIS A 273 -34.20 24.41 -8.17
N SER A 274 -35.46 24.02 -8.01
CA SER A 274 -35.99 23.65 -6.69
C SER A 274 -35.29 22.39 -6.15
N TYR A 275 -35.07 21.42 -7.03
CA TYR A 275 -34.35 20.21 -6.67
C TYR A 275 -32.94 20.52 -6.16
N LEU A 276 -32.23 21.37 -6.89
CA LEU A 276 -30.86 21.73 -6.55
C LEU A 276 -30.80 22.48 -5.22
N GLU A 277 -31.77 23.35 -5.00
CA GLU A 277 -31.83 24.16 -3.79
C GLU A 277 -32.17 23.30 -2.58
N ARG A 278 -33.08 22.35 -2.80
CA ARG A 278 -33.52 21.43 -1.76
C ARG A 278 -32.37 20.57 -1.26
N HIS A 279 -31.58 20.02 -2.17
CA HIS A 279 -30.50 19.13 -1.80
C HIS A 279 -29.18 19.81 -1.65
N GLY A 280 -29.22 21.13 -1.49
CA GLY A 280 -28.05 21.93 -1.12
C GLY A 280 -26.90 21.89 -2.09
N LEU A 281 -27.22 21.71 -3.37
CA LEU A 281 -26.22 21.80 -4.44
C LEU A 281 -26.03 23.25 -4.84
N ILE A 282 -27.10 24.03 -4.71
CA ILE A 282 -27.04 25.49 -4.85
C ILE A 282 -27.59 26.12 -3.57
N ASN A 283 -27.19 27.36 -3.31
CA ASN A 283 -27.60 28.09 -2.10
C ASN A 283 -27.39 27.30 -0.81
N PHE A 284 -26.13 26.98 -0.53
CA PHE A 284 -25.74 26.36 0.74
C PHE A 284 -24.62 27.17 1.38
N GLY A 285 -24.44 26.99 2.68
CA GLY A 285 -23.44 27.74 3.42
C GLY A 285 -23.91 29.13 3.76
N ILE A 286 -23.05 30.12 3.52
CA ILE A 286 -23.32 31.51 3.89
C ILE A 286 -23.45 32.42 2.67
N TYR A 287 -24.70 32.68 2.30
CA TYR A 287 -25.05 33.53 1.17
C TYR A 287 -26.02 34.61 1.64
N LYS A 288 -25.98 35.75 0.96
CA LYS A 288 -26.95 36.82 1.20
C LYS A 288 -28.27 36.48 0.55
N ARG A 289 -29.33 36.48 1.36
CA ARG A 289 -30.67 36.15 0.87
C ARG A 289 -31.24 37.32 0.08
N ILE A 290 -32.02 37.01 -0.96
CA ILE A 290 -32.73 38.04 -1.71
C ILE A 290 -34.17 38.17 -1.20
N LYS A 291 -34.85 37.03 -1.04
CA LYS A 291 -36.21 36.99 -0.53
C LYS A 291 -36.20 36.70 0.97
N PRO A 292 -36.24 37.75 1.83
CA PRO A 292 -36.10 37.57 3.28
C PRO A 292 -36.97 36.43 3.83
N LEU A 293 -36.40 35.68 4.77
CA LEU A 293 -36.99 34.43 5.27
C LEU A 293 -38.49 34.49 5.59
N PRO A 294 -39.25 33.49 5.11
CA PRO A 294 -40.66 33.28 5.43
C PRO A 294 -40.97 33.65 6.88
N THR A 295 -41.97 34.50 7.05
CA THR A 295 -42.29 35.13 8.34
C THR A 295 -42.67 34.15 9.45
N LYS A 296 -43.45 33.12 9.10
CA LYS A 296 -43.78 32.06 10.05
C LYS A 296 -43.30 30.70 9.59
N LYS A 297 -42.69 29.98 10.52
CA LYS A 297 -42.02 28.72 10.26
C LYS A 297 -43.01 27.57 10.15
N THR A 298 -42.54 26.46 9.59
CA THR A 298 -43.35 25.26 9.46
C THR A 298 -42.54 24.08 9.97
N GLY A 299 -43.10 23.34 10.91
CA GLY A 299 -42.42 22.21 11.53
C GLY A 299 -41.32 22.66 12.49
N LYS A 300 -40.90 21.75 13.36
CA LYS A 300 -39.86 22.03 14.35
C LYS A 300 -38.85 20.88 14.48
N VAL A 301 -37.56 21.21 14.30
CA VAL A 301 -36.49 20.22 14.32
C VAL A 301 -35.47 20.51 15.41
N ILE A 302 -35.18 19.49 16.21
CA ILE A 302 -34.07 19.54 17.16
C ILE A 302 -32.86 18.86 16.52
N ILE A 303 -31.74 19.57 16.54
CA ILE A 303 -30.48 19.04 16.01
C ILE A 303 -29.51 18.82 17.15
N ILE A 304 -29.06 17.58 17.31
CA ILE A 304 -28.11 17.23 18.35
C ILE A 304 -26.69 17.44 17.84
N GLY A 305 -25.99 18.36 18.50
CA GLY A 305 -24.61 18.69 18.16
C GLY A 305 -24.49 19.79 17.13
N SER A 306 -23.66 20.79 17.44
CA SER A 306 -23.38 21.87 16.51
C SER A 306 -22.00 21.70 15.88
N GLY A 307 -21.67 20.45 15.52
CA GLY A 307 -20.54 20.17 14.66
C GLY A 307 -20.84 20.73 13.27
N VAL A 308 -19.93 20.54 12.33
CA VAL A 308 -20.15 21.06 10.98
C VAL A 308 -21.37 20.40 10.33
N SER A 309 -21.52 19.08 10.47
CA SER A 309 -22.69 18.40 9.90
C SER A 309 -23.98 18.95 10.50
N GLY A 310 -23.97 19.17 11.82
CA GLY A 310 -25.09 19.79 12.52
C GLY A 310 -25.41 21.18 11.98
N LEU A 311 -24.40 22.05 11.97
CA LEU A 311 -24.56 23.43 11.50
C LEU A 311 -25.05 23.51 10.07
N ALA A 312 -24.46 22.69 9.19
CA ALA A 312 -24.80 22.69 7.77
C ALA A 312 -26.29 22.36 7.56
N ALA A 313 -26.80 21.39 8.33
CA ALA A 313 -28.21 21.00 8.26
C ALA A 313 -29.09 22.13 8.80
N ALA A 314 -28.73 22.65 9.97
CA ALA A 314 -29.44 23.74 10.61
C ALA A 314 -29.70 24.88 9.66
N ARG A 315 -28.63 25.35 9.00
CA ARG A 315 -28.73 26.44 8.05
C ARG A 315 -29.69 26.13 6.92
N GLN A 316 -29.62 24.91 6.40
CA GLN A 316 -30.51 24.49 5.31
C GLN A 316 -31.95 24.52 5.76
N LEU A 317 -32.23 23.90 6.90
CA LEU A 317 -33.59 23.78 7.41
C LEU A 317 -34.19 25.14 7.72
N GLN A 318 -33.44 25.98 8.43
CA GLN A 318 -33.85 27.35 8.66
C GLN A 318 -34.07 28.08 7.33
N SER A 319 -33.17 27.83 6.38
CA SER A 319 -33.30 28.38 5.02
C SER A 319 -34.58 27.92 4.33
N PHE A 320 -35.03 26.71 4.66
CA PHE A 320 -36.27 26.18 4.10
C PHE A 320 -37.50 26.62 4.88
N GLY A 321 -37.30 27.52 5.85
CA GLY A 321 -38.38 28.06 6.66
C GLY A 321 -38.89 27.08 7.71
N MET A 322 -37.97 26.44 8.43
CA MET A 322 -38.35 25.53 9.51
C MET A 322 -37.83 26.08 10.84
N ASP A 323 -38.40 25.56 11.94
CA ASP A 323 -37.96 25.95 13.26
C ASP A 323 -36.84 25.02 13.71
N VAL A 324 -35.64 25.59 13.87
CA VAL A 324 -34.44 24.81 14.13
C VAL A 324 -33.76 25.25 15.43
N THR A 325 -33.42 24.28 16.27
CA THR A 325 -32.62 24.53 17.47
C THR A 325 -31.58 23.42 17.65
N LEU A 326 -30.32 23.83 17.77
CA LEU A 326 -29.21 22.91 17.98
C LEU A 326 -28.86 22.79 19.46
N LEU A 327 -28.56 21.57 19.89
CA LEU A 327 -28.15 21.31 21.27
C LEU A 327 -26.72 20.82 21.30
N GLU A 328 -25.83 21.69 21.79
CA GLU A 328 -24.42 21.38 21.85
C GLU A 328 -24.00 21.17 23.29
N ALA A 329 -23.30 20.07 23.56
CA ALA A 329 -22.78 19.78 24.89
C ALA A 329 -21.61 20.71 25.24
N ARG A 330 -20.75 20.96 24.24
CA ARG A 330 -19.60 21.86 24.42
C ARG A 330 -20.01 23.32 24.60
N ASP A 331 -19.07 24.14 25.04
CA ASP A 331 -19.25 25.59 25.17
C ASP A 331 -18.79 26.32 23.91
N ARG A 332 -18.73 25.58 22.80
CA ARG A 332 -18.30 26.11 21.52
C ARG A 332 -18.91 25.28 20.39
N VAL A 333 -19.01 25.88 19.22
CA VAL A 333 -19.46 25.16 18.02
C VAL A 333 -18.30 24.42 17.33
N GLY A 334 -18.60 23.70 16.25
CA GLY A 334 -17.58 23.07 15.43
C GLY A 334 -17.20 21.64 15.77
N GLY A 335 -17.43 21.26 17.02
CA GLY A 335 -17.12 19.92 17.49
C GLY A 335 -15.68 19.53 17.21
N ARG A 336 -15.51 18.55 16.32
CA ARG A 336 -14.19 18.06 15.95
C ARG A 336 -13.39 19.04 15.09
N VAL A 337 -13.95 20.22 14.85
CA VAL A 337 -13.19 21.33 14.31
C VAL A 337 -12.83 22.24 15.49
N ALA A 338 -11.74 21.87 16.15
CA ALA A 338 -11.23 22.62 17.29
C ALA A 338 -10.00 23.40 16.87
N THR A 339 -9.92 24.65 17.33
CA THR A 339 -8.81 25.52 17.00
C THR A 339 -8.25 26.21 18.25
N PHE A 340 -7.01 25.89 18.58
CA PHE A 340 -6.33 26.55 19.68
C PHE A 340 -6.01 27.98 19.29
N ARG A 341 -6.34 28.91 20.20
CA ARG A 341 -6.02 30.32 20.03
C ARG A 341 -5.48 30.90 21.32
N LYS A 342 -4.40 31.68 21.19
CA LYS A 342 -3.78 32.40 22.30
C LYS A 342 -2.72 33.31 21.72
N GLY A 343 -2.84 34.60 22.02
CA GLY A 343 -1.96 35.61 21.46
C GLY A 343 -2.09 35.64 19.94
N ASN A 344 -1.07 35.13 19.27
CA ASN A 344 -1.07 35.00 17.81
C ASN A 344 -0.94 33.54 17.40
N TYR A 345 -0.74 32.68 18.38
CA TYR A 345 -0.65 31.25 18.14
C TYR A 345 -2.01 30.70 17.74
N VAL A 346 -2.08 30.09 16.57
CA VAL A 346 -3.31 29.51 16.05
C VAL A 346 -2.99 28.12 15.50
N ALA A 347 -3.57 27.09 16.12
CA ALA A 347 -3.32 25.71 15.69
C ALA A 347 -4.55 24.82 15.88
N ASP A 348 -4.96 24.15 14.83
CA ASP A 348 -6.10 23.24 14.89
C ASP A 348 -5.72 21.94 15.58
N LEU A 349 -6.43 21.63 16.67
CA LEU A 349 -6.27 20.37 17.35
C LEU A 349 -7.19 19.33 16.73
N GLY A 350 -8.11 19.80 15.89
CA GLY A 350 -9.00 18.94 15.14
C GLY A 350 -8.63 18.99 13.68
N ALA A 351 -9.66 19.06 12.82
CA ALA A 351 -9.50 19.18 11.37
C ALA A 351 -8.57 20.38 11.05
N MET A 352 -7.74 20.23 10.01
CA MET A 352 -6.67 21.18 9.71
C MET A 352 -6.46 21.36 8.21
N VAL A 353 -6.68 20.28 7.46
CA VAL A 353 -6.36 20.24 6.04
C VAL A 353 -7.63 20.23 5.18
N VAL A 354 -7.66 21.10 4.18
CA VAL A 354 -8.63 21.02 3.10
C VAL A 354 -8.01 20.12 2.03
N THR A 355 -8.61 18.95 1.79
CA THR A 355 -8.01 17.95 0.91
C THR A 355 -8.25 18.19 -0.58
N GLY A 356 -7.94 19.40 -1.05
CA GLY A 356 -8.04 19.73 -2.48
C GLY A 356 -9.39 20.34 -2.84
N LEU A 357 -9.36 21.42 -3.62
CA LEU A 357 -10.57 22.17 -3.96
C LEU A 357 -11.32 21.64 -5.18
N GLY A 358 -10.76 20.63 -5.85
CA GLY A 358 -11.36 20.07 -7.06
C GLY A 358 -12.59 19.22 -6.79
N GLY A 359 -13.76 19.87 -6.80
CA GLY A 359 -15.02 19.18 -6.51
C GLY A 359 -15.37 19.21 -5.04
N ASN A 360 -14.64 20.01 -4.28
CA ASN A 360 -14.84 20.13 -2.84
C ASN A 360 -15.93 21.14 -2.52
N PRO A 361 -16.97 20.73 -1.75
CA PRO A 361 -17.95 21.70 -1.29
C PRO A 361 -17.30 22.81 -0.47
N MET A 362 -16.17 22.47 0.18
CA MET A 362 -15.41 23.46 0.96
C MET A 362 -14.85 24.57 0.09
N ALA A 363 -14.64 24.26 -1.19
CA ALA A 363 -14.20 25.25 -2.17
C ALA A 363 -15.18 26.41 -2.28
N VAL A 364 -16.48 26.09 -2.23
CA VAL A 364 -17.54 27.11 -2.19
C VAL A 364 -17.51 27.85 -0.86
N VAL A 365 -17.46 27.10 0.24
CA VAL A 365 -17.42 27.66 1.59
C VAL A 365 -16.27 28.64 1.76
N SER A 366 -15.13 28.32 1.16
CA SER A 366 -13.92 29.15 1.24
C SER A 366 -14.07 30.49 0.54
N LYS A 367 -14.91 30.54 -0.49
CA LYS A 367 -15.23 31.79 -1.15
C LYS A 367 -16.22 32.62 -0.32
N GLN A 368 -17.04 31.94 0.47
CA GLN A 368 -18.05 32.58 1.30
C GLN A 368 -17.48 33.09 2.62
N VAL A 369 -16.48 32.40 3.13
CA VAL A 369 -15.91 32.68 4.45
C VAL A 369 -14.44 33.05 4.32
N ASN A 370 -14.02 34.06 5.08
CA ASN A 370 -12.62 34.45 5.16
C ASN A 370 -11.74 33.35 5.77
N MET A 371 -11.43 32.35 4.95
CA MET A 371 -10.43 31.34 5.30
C MET A 371 -9.16 31.72 4.57
N GLU A 372 -8.03 31.62 5.28
CA GLU A 372 -6.74 31.88 4.68
C GLU A 372 -6.14 30.55 4.26
N LEU A 373 -6.36 30.17 3.01
CA LEU A 373 -5.93 28.85 2.52
C LEU A 373 -4.52 28.86 1.93
N ALA A 374 -3.59 28.23 2.64
CA ALA A 374 -2.21 28.12 2.20
C ALA A 374 -1.91 26.69 1.74
N LYS A 375 -1.34 26.58 0.54
CA LYS A 375 -1.00 25.28 -0.05
C LYS A 375 0.06 24.57 0.79
N ILE A 376 -0.03 23.24 0.82
CA ILE A 376 0.93 22.43 1.56
C ILE A 376 1.96 21.85 0.60
N LYS A 377 3.20 22.31 0.72
CA LYS A 377 4.31 21.81 -0.07
C LYS A 377 4.56 20.34 0.29
N GLN A 378 4.51 19.49 -0.72
CA GLN A 378 4.53 18.03 -0.52
C GLN A 378 5.79 17.49 0.16
N LYS A 379 6.93 18.13 -0.08
CA LYS A 379 8.24 17.64 0.36
C LYS A 379 8.34 17.42 1.87
N CYS A 380 8.75 16.21 2.24
CA CYS A 380 8.84 15.80 3.64
C CYS A 380 10.09 14.97 3.90
N PRO A 381 11.12 15.59 4.51
CA PRO A 381 12.35 14.87 4.86
C PRO A 381 12.20 14.05 6.13
N LEU A 382 12.64 12.79 6.07
CA LEU A 382 12.61 11.91 7.25
C LEU A 382 13.91 12.02 8.01
N TYR A 383 13.84 11.78 9.32
CA TYR A 383 15.00 11.83 10.19
C TYR A 383 14.98 10.64 11.14
N GLU A 384 15.94 9.75 10.98
CA GLU A 384 16.03 8.52 11.79
C GLU A 384 16.12 8.82 13.29
N ALA A 385 16.08 7.76 14.10
CA ALA A 385 16.18 7.88 15.55
C ALA A 385 17.44 8.64 15.98
N ASN A 386 18.53 8.46 15.23
CA ASN A 386 19.81 9.12 15.49
C ASN A 386 19.72 10.66 15.47
N GLY A 387 18.82 11.19 14.64
CA GLY A 387 18.68 12.62 14.45
C GLY A 387 19.36 13.12 13.19
N GLN A 388 19.45 12.24 12.19
CA GLN A 388 20.05 12.59 10.92
C GLN A 388 19.22 12.09 9.74
N ALA A 389 19.21 12.88 8.67
CA ALA A 389 18.38 12.62 7.50
C ALA A 389 18.63 11.26 6.87
N VAL A 390 17.55 10.64 6.41
CA VAL A 390 17.63 9.47 5.55
C VAL A 390 18.07 9.99 4.18
N PRO A 391 19.08 9.34 3.57
CA PRO A 391 19.53 9.76 2.24
C PRO A 391 18.51 9.41 1.16
N LYS A 392 18.46 10.22 0.10
CA LYS A 392 17.50 10.06 -0.99
C LYS A 392 17.51 8.66 -1.60
N GLU A 393 18.67 8.02 -1.56
CA GLU A 393 18.82 6.62 -1.96
C GLU A 393 17.85 5.73 -1.21
N LYS A 394 18.01 5.67 0.12
CA LYS A 394 17.15 4.90 1.01
C LYS A 394 15.71 5.35 0.88
N ASP A 395 15.48 6.61 1.23
CA ASP A 395 14.16 7.23 1.22
C ASP A 395 13.25 6.77 0.10
N GLU A 396 13.76 6.84 -1.13
CA GLU A 396 12.98 6.48 -2.31
C GLU A 396 12.76 4.97 -2.45
N MET A 397 13.79 4.20 -2.13
CA MET A 397 13.74 2.74 -2.27
C MET A 397 12.87 2.08 -1.19
N VAL A 398 12.69 2.77 -0.08
CA VAL A 398 11.78 2.31 0.98
C VAL A 398 10.34 2.67 0.64
N GLU A 399 10.13 3.93 0.26
CA GLU A 399 8.81 4.43 -0.12
C GLU A 399 8.23 3.63 -1.28
N GLN A 400 9.04 3.39 -2.30
CA GLN A 400 8.61 2.63 -3.47
C GLN A 400 8.29 1.19 -3.10
N GLU A 401 9.00 0.67 -2.11
CA GLU A 401 8.72 -0.66 -1.58
C GLU A 401 7.38 -0.65 -0.82
N PHE A 402 7.16 0.44 -0.09
CA PHE A 402 5.91 0.67 0.64
C PHE A 402 4.69 0.67 -0.29
N ASN A 403 4.80 1.43 -1.37
CA ASN A 403 3.72 1.52 -2.36
C ASN A 403 3.55 0.21 -3.12
N ARG A 404 4.67 -0.49 -3.32
CA ARG A 404 4.68 -1.82 -3.90
C ARG A 404 3.95 -2.79 -2.96
N LEU A 405 4.20 -2.63 -1.66
CA LEU A 405 3.57 -3.46 -0.63
C LEU A 405 2.05 -3.27 -0.54
N LEU A 406 1.59 -2.04 -0.77
CA LEU A 406 0.16 -1.76 -0.78
C LEU A 406 -0.56 -2.40 -1.96
N GLU A 407 -0.07 -2.14 -3.18
CA GLU A 407 -0.61 -2.78 -4.38
C GLU A 407 -0.70 -4.30 -4.21
N ALA A 408 0.30 -4.86 -3.50
CA ALA A 408 0.35 -6.28 -3.21
C ALA A 408 -0.82 -6.73 -2.34
N THR A 409 -1.13 -5.95 -1.31
CA THR A 409 -2.28 -6.25 -0.45
C THR A 409 -3.56 -6.16 -1.26
N SER A 410 -3.65 -5.14 -2.11
CA SER A 410 -4.78 -4.95 -3.03
C SER A 410 -4.95 -6.14 -3.97
N TYR A 411 -3.81 -6.71 -4.37
CA TYR A 411 -3.78 -7.89 -5.21
C TYR A 411 -4.24 -9.16 -4.46
N LEU A 412 -3.93 -9.25 -3.17
CA LEU A 412 -4.39 -10.36 -2.35
C LEU A 412 -5.89 -10.29 -2.11
N SER A 413 -6.41 -9.07 -2.03
CA SER A 413 -7.81 -8.84 -1.70
C SER A 413 -8.72 -9.16 -2.87
N HIS A 414 -8.46 -8.51 -4.01
CA HIS A 414 -9.38 -8.55 -5.13
C HIS A 414 -9.11 -9.69 -6.08
N GLN A 415 -7.84 -10.09 -6.19
CA GLN A 415 -7.43 -11.12 -7.14
C GLN A 415 -7.32 -12.53 -6.56
N LEU A 416 -6.90 -12.62 -5.29
CA LEU A 416 -6.77 -13.91 -4.62
C LEU A 416 -7.86 -14.18 -3.58
N ASP A 417 -8.82 -13.25 -3.45
CA ASP A 417 -9.95 -13.34 -2.51
C ASP A 417 -9.54 -13.71 -1.08
N PHE A 418 -8.34 -13.27 -0.70
CA PHE A 418 -7.77 -13.49 0.62
C PHE A 418 -8.36 -12.47 1.60
N ASN A 419 -9.55 -12.79 2.13
CA ASN A 419 -10.28 -11.81 2.94
C ASN A 419 -10.87 -12.37 4.23
N VAL A 420 -10.89 -13.69 4.36
CA VAL A 420 -11.31 -14.36 5.59
C VAL A 420 -10.17 -15.29 6.05
N LEU A 421 -9.82 -15.22 7.33
CA LEU A 421 -8.79 -16.07 7.89
C LEU A 421 -9.21 -16.57 9.27
N ASN A 422 -9.52 -17.87 9.35
CA ASN A 422 -10.10 -18.50 10.55
C ASN A 422 -11.42 -17.84 10.96
N ASN A 423 -12.28 -17.62 9.96
CA ASN A 423 -13.58 -16.93 10.13
C ASN A 423 -13.48 -15.41 10.35
N LYS A 424 -12.35 -14.95 10.86
CA LYS A 424 -12.14 -13.52 11.09
C LYS A 424 -11.81 -12.82 9.77
N PRO A 425 -12.41 -11.64 9.54
CA PRO A 425 -12.07 -10.82 8.37
C PRO A 425 -10.60 -10.37 8.40
N VAL A 426 -9.93 -10.54 7.27
CA VAL A 426 -8.52 -10.16 7.15
C VAL A 426 -8.35 -8.65 7.24
N SER A 427 -7.48 -8.19 8.14
CA SER A 427 -7.18 -6.76 8.25
C SER A 427 -6.09 -6.40 7.25
N LEU A 428 -5.87 -5.10 7.06
CA LEU A 428 -4.79 -4.63 6.19
C LEU A 428 -3.43 -4.98 6.79
N GLY A 429 -3.27 -4.68 8.08
CA GLY A 429 -2.05 -5.03 8.81
C GLY A 429 -1.63 -6.47 8.58
N GLN A 430 -2.53 -7.40 8.93
CA GLN A 430 -2.37 -8.83 8.63
C GLN A 430 -1.83 -9.06 7.22
N ALA A 431 -2.53 -8.50 6.23
CA ALA A 431 -2.18 -8.70 4.83
C ALA A 431 -0.82 -8.12 4.48
N LEU A 432 -0.48 -6.97 5.07
CA LEU A 432 0.85 -6.37 4.88
C LEU A 432 1.96 -7.27 5.44
N GLU A 433 1.70 -7.90 6.57
CA GLU A 433 2.62 -8.84 7.17
C GLU A 433 2.80 -10.04 6.25
N VAL A 434 1.69 -10.68 5.90
CA VAL A 434 1.69 -11.82 4.98
C VAL A 434 2.46 -11.52 3.69
N VAL A 435 2.34 -10.28 3.20
CA VAL A 435 3.07 -9.88 2.00
C VAL A 435 4.57 -9.73 2.27
N ILE A 436 4.94 -9.02 3.34
CA ILE A 436 6.34 -8.86 3.72
C ILE A 436 7.00 -10.21 3.93
N GLN A 437 6.33 -11.10 4.67
CA GLN A 437 6.80 -12.46 4.89
C GLN A 437 7.10 -13.18 3.57
N LEU A 438 6.12 -13.22 2.67
CA LEU A 438 6.31 -13.83 1.35
C LEU A 438 7.47 -13.21 0.58
N GLN A 439 7.76 -11.94 0.86
CA GLN A 439 8.89 -11.27 0.23
C GLN A 439 10.20 -11.68 0.88
N GLU A 440 10.17 -11.84 2.20
CA GLU A 440 11.32 -12.37 2.94
C GLU A 440 11.61 -13.82 2.55
N LYS A 441 10.53 -14.61 2.43
CA LYS A 441 10.62 -16.00 1.99
C LYS A 441 11.29 -16.09 0.63
N HIS A 442 10.78 -15.32 -0.32
CA HIS A 442 11.33 -15.30 -1.68
C HIS A 442 12.79 -14.98 -1.71
N VAL A 443 13.23 -14.02 -0.90
CA VAL A 443 14.65 -13.64 -0.84
C VAL A 443 15.52 -14.85 -0.44
N LYS A 444 15.02 -15.65 0.50
CA LYS A 444 15.68 -16.89 0.90
C LYS A 444 15.59 -17.95 -0.19
N ASP A 445 14.40 -18.14 -0.76
CA ASP A 445 14.21 -19.05 -1.90
C ASP A 445 15.25 -18.79 -2.99
N GLU A 446 15.58 -17.51 -3.19
CA GLU A 446 16.56 -17.07 -4.18
C GLU A 446 17.99 -17.44 -3.78
N GLN A 447 18.34 -17.20 -2.52
CA GLN A 447 19.66 -17.53 -1.99
C GLN A 447 19.90 -19.03 -2.06
N ILE A 448 18.93 -19.81 -1.58
CA ILE A 448 19.00 -21.27 -1.65
C ILE A 448 19.29 -21.73 -3.07
N GLU A 449 18.46 -21.33 -4.04
CA GLU A 449 18.62 -21.78 -5.43
C GLU A 449 19.87 -21.22 -6.13
N HIS A 450 20.47 -20.18 -5.57
CA HIS A 450 21.73 -19.64 -6.09
C HIS A 450 22.91 -20.40 -5.56
N TRP A 451 22.93 -20.65 -4.26
CA TRP A 451 23.97 -21.49 -3.65
C TRP A 451 23.83 -22.91 -4.12
N LYS A 452 22.60 -23.32 -4.42
CA LYS A 452 22.31 -24.65 -4.97
C LYS A 452 22.90 -24.79 -6.37
N LYS A 453 23.02 -23.66 -7.07
CA LYS A 453 23.73 -23.61 -8.36
C LYS A 453 25.22 -23.81 -8.15
N ILE A 454 25.75 -23.25 -7.07
CA ILE A 454 27.18 -23.37 -6.77
C ILE A 454 27.57 -24.83 -6.49
N VAL A 455 26.89 -25.49 -5.56
CA VAL A 455 27.15 -26.90 -5.25
C VAL A 455 27.07 -27.81 -6.48
N LYS A 456 25.99 -27.68 -7.26
CA LYS A 456 25.83 -28.47 -8.49
C LYS A 456 27.02 -28.31 -9.44
N THR A 457 27.57 -27.09 -9.49
CA THR A 457 28.73 -26.78 -10.34
C THR A 457 30.06 -27.15 -9.66
N GLN A 458 30.19 -26.80 -8.39
CA GLN A 458 31.37 -27.17 -7.59
C GLN A 458 31.55 -28.68 -7.51
N GLU A 459 30.45 -29.41 -7.70
CA GLU A 459 30.45 -30.87 -7.65
C GLU A 459 30.79 -31.48 -9.01
N GLU A 460 30.49 -30.75 -10.09
CA GLU A 460 30.97 -31.11 -11.43
C GLU A 460 32.48 -31.00 -11.49
N LEU A 461 33.01 -29.98 -10.83
CA LEU A 461 34.45 -29.78 -10.70
C LEU A 461 35.09 -30.92 -9.91
N LYS A 462 34.42 -31.38 -8.86
CA LYS A 462 34.89 -32.51 -8.06
C LYS A 462 35.08 -33.76 -8.91
N GLU A 463 34.00 -34.19 -9.57
CA GLU A 463 34.05 -35.34 -10.47
C GLU A 463 35.16 -35.19 -11.51
N LEU A 464 35.32 -33.98 -12.04
CA LEU A 464 36.33 -33.70 -13.07
C LEU A 464 37.76 -33.74 -12.50
N LEU A 465 37.95 -33.20 -11.30
CA LEU A 465 39.26 -33.25 -10.65
C LEU A 465 39.65 -34.68 -10.29
N ASN A 466 38.67 -35.50 -9.90
CA ASN A 466 38.87 -36.93 -9.66
C ASN A 466 39.34 -37.66 -10.90
N LYS A 467 38.65 -37.42 -12.02
CA LYS A 467 39.04 -38.00 -13.30
C LYS A 467 40.44 -37.51 -13.69
N MET A 468 40.73 -36.25 -13.37
CA MET A 468 42.03 -35.66 -13.68
C MET A 468 43.18 -36.23 -12.88
N VAL A 469 42.95 -36.48 -11.58
CA VAL A 469 43.96 -37.13 -10.74
C VAL A 469 44.25 -38.55 -11.22
N ASN A 470 43.21 -39.28 -11.59
CA ASN A 470 43.34 -40.64 -12.10
C ASN A 470 44.02 -40.71 -13.45
N LEU A 471 44.01 -39.60 -14.19
CA LEU A 471 44.65 -39.55 -15.50
C LEU A 471 46.13 -39.19 -15.35
N LYS A 472 46.42 -38.22 -14.48
CA LYS A 472 47.81 -37.92 -14.12
C LYS A 472 48.43 -39.13 -13.41
N GLU A 473 47.58 -40.09 -13.06
CA GLU A 473 48.03 -41.32 -12.43
C GLU A 473 48.47 -42.34 -13.46
N LYS A 474 47.61 -42.58 -14.46
CA LYS A 474 47.92 -43.49 -15.55
C LYS A 474 49.07 -42.93 -16.39
N ILE A 475 49.06 -41.63 -16.62
CA ILE A 475 50.14 -40.96 -17.34
C ILE A 475 51.48 -41.09 -16.61
N LYS A 476 51.44 -40.95 -15.28
CA LYS A 476 52.62 -41.09 -14.43
C LYS A 476 53.28 -42.46 -14.59
N GLU A 477 52.45 -43.50 -14.64
CA GLU A 477 52.90 -44.87 -14.73
C GLU A 477 53.17 -45.29 -16.17
N LEU A 478 52.42 -44.72 -17.11
CA LEU A 478 52.58 -45.02 -18.53
C LEU A 478 53.89 -44.44 -19.06
N HIS A 479 54.27 -43.27 -18.53
CA HIS A 479 55.52 -42.61 -18.90
C HIS A 479 56.68 -43.37 -18.36
N GLN A 480 56.49 -43.97 -17.18
CA GLN A 480 57.50 -44.83 -16.57
C GLN A 480 57.81 -46.03 -17.49
N GLN A 481 56.75 -46.65 -18.02
CA GLN A 481 56.87 -47.80 -18.91
C GLN A 481 57.52 -47.43 -20.24
N TYR A 482 57.14 -46.28 -20.81
CA TYR A 482 57.78 -45.82 -22.04
C TYR A 482 59.26 -45.60 -21.82
N LYS A 483 59.59 -45.00 -20.67
CA LYS A 483 60.98 -44.72 -20.32
C LYS A 483 61.75 -46.03 -20.22
N GLU A 484 61.14 -47.03 -19.58
CA GLU A 484 61.73 -48.37 -19.46
C GLU A 484 61.92 -49.09 -20.78
N ALA A 485 61.10 -48.77 -21.77
CA ALA A 485 61.23 -49.37 -23.10
C ALA A 485 62.24 -48.62 -23.95
N SER A 486 62.40 -47.32 -23.71
CA SER A 486 63.44 -46.54 -24.37
C SER A 486 64.82 -46.89 -23.85
N GLU A 487 64.88 -47.46 -22.64
CA GLU A 487 66.14 -47.92 -22.03
C GLU A 487 66.78 -49.04 -22.86
N VAL A 488 65.95 -49.93 -23.41
CA VAL A 488 66.43 -51.01 -24.29
C VAL A 488 67.01 -50.40 -25.58
N LYS A 489 68.32 -50.13 -25.55
CA LYS A 489 69.00 -49.42 -26.63
C LYS A 489 68.90 -50.17 -27.97
N PRO A 490 68.82 -49.44 -29.10
CA PRO A 490 68.83 -50.09 -30.41
C PRO A 490 70.16 -50.83 -30.64
N PRO A 491 70.19 -51.80 -31.58
CA PRO A 491 69.12 -52.22 -32.46
C PRO A 491 68.22 -53.27 -31.80
N ARG A 492 66.91 -53.03 -31.86
CA ARG A 492 65.94 -53.91 -31.24
C ARG A 492 65.11 -54.62 -32.30
N ASP A 493 64.45 -55.72 -31.92
CA ASP A 493 63.53 -56.38 -32.84
C ASP A 493 62.22 -55.59 -32.93
N ILE A 494 61.30 -56.03 -33.78
CA ILE A 494 60.14 -55.19 -34.09
C ILE A 494 59.11 -55.05 -32.98
N THR A 495 58.96 -56.09 -32.14
CA THR A 495 58.04 -56.02 -31.01
C THR A 495 58.50 -54.99 -29.98
N ALA A 496 59.81 -54.99 -29.70
CA ALA A 496 60.43 -54.02 -28.80
C ALA A 496 60.37 -52.60 -29.35
N GLU A 497 60.49 -52.47 -30.67
CA GLU A 497 60.33 -51.19 -31.36
C GLU A 497 58.87 -50.77 -31.27
N PHE A 498 57.98 -51.75 -31.44
CA PHE A 498 56.54 -51.54 -31.35
C PHE A 498 56.12 -51.04 -29.99
N LEU A 499 56.71 -51.60 -28.94
CA LEU A 499 56.42 -51.21 -27.57
C LEU A 499 56.67 -49.72 -27.36
N VAL A 500 57.83 -49.24 -27.79
CA VAL A 500 58.18 -47.82 -27.70
C VAL A 500 57.14 -46.97 -28.42
N LYS A 501 56.91 -47.28 -29.69
CA LYS A 501 55.97 -46.56 -30.54
C LYS A 501 54.55 -46.56 -29.95
N SER A 502 54.13 -47.73 -29.48
CA SER A 502 52.82 -47.92 -28.86
C SER A 502 52.64 -47.05 -27.63
N LYS A 503 53.52 -47.22 -26.64
CA LYS A 503 53.49 -46.42 -25.42
C LYS A 503 53.51 -44.93 -25.69
N HIS A 504 54.26 -44.52 -26.71
CA HIS A 504 54.33 -43.11 -27.11
C HIS A 504 52.99 -42.61 -27.59
N ARG A 505 52.32 -43.39 -28.42
CA ARG A 505 50.97 -43.05 -28.88
C ARG A 505 50.01 -42.96 -27.71
N ASP A 506 50.03 -44.01 -26.88
CA ASP A 506 49.13 -44.13 -25.72
C ASP A 506 49.30 -42.99 -24.74
N LEU A 507 50.53 -42.48 -24.64
CA LEU A 507 50.80 -41.37 -23.74
C LEU A 507 50.27 -40.05 -24.28
N THR A 508 50.53 -39.76 -25.55
CA THR A 508 50.02 -38.55 -26.20
C THR A 508 48.50 -38.57 -26.32
N ALA A 509 47.92 -39.77 -26.40
CA ALA A 509 46.47 -39.94 -26.36
C ALA A 509 45.89 -39.53 -25.01
N LEU A 510 46.57 -39.92 -23.93
CA LEU A 510 46.15 -39.56 -22.58
C LEU A 510 46.48 -38.11 -22.23
N CYS A 511 47.48 -37.56 -22.91
CA CYS A 511 47.84 -36.15 -22.72
C CYS A 511 46.86 -35.23 -23.45
N LYS A 512 46.27 -35.72 -24.54
CA LYS A 512 45.19 -35.02 -25.22
C LYS A 512 44.03 -34.83 -24.26
N GLU A 513 43.64 -35.93 -23.59
CA GLU A 513 42.51 -35.97 -22.67
C GLU A 513 42.68 -35.05 -21.47
N TYR A 514 43.88 -35.08 -20.88
CA TYR A 514 44.22 -34.26 -19.73
C TYR A 514 44.15 -32.76 -20.06
N ASP A 515 44.56 -32.42 -21.28
CA ASP A 515 44.51 -31.03 -21.74
C ASP A 515 43.07 -30.58 -22.00
N GLU A 516 42.26 -31.48 -22.55
CA GLU A 516 40.83 -31.24 -22.74
C GLU A 516 40.10 -31.14 -21.41
N LEU A 517 40.65 -31.77 -20.39
CA LEU A 517 40.08 -31.74 -19.04
C LEU A 517 40.57 -30.55 -18.23
N ALA A 518 41.78 -30.06 -18.53
CA ALA A 518 42.28 -28.82 -17.96
C ALA A 518 41.59 -27.64 -18.64
N GLU A 519 41.12 -27.87 -19.87
CA GLU A 519 40.26 -26.93 -20.58
C GLU A 519 38.92 -26.80 -19.84
N THR A 520 38.21 -27.92 -19.71
CA THR A 520 36.94 -27.99 -19.00
C THR A 520 37.07 -27.43 -17.58
N GLN A 521 38.18 -27.71 -16.91
CA GLN A 521 38.44 -27.21 -15.58
C GLN A 521 38.45 -25.68 -15.52
N GLY A 522 39.06 -25.06 -16.53
CA GLY A 522 39.14 -23.60 -16.62
C GLY A 522 37.78 -22.92 -16.72
N LYS A 523 36.90 -23.49 -17.54
CA LYS A 523 35.54 -22.99 -17.71
C LYS A 523 34.74 -23.09 -16.41
N LEU A 524 34.83 -24.23 -15.74
CA LEU A 524 34.07 -24.49 -14.51
C LEU A 524 34.64 -23.72 -13.32
N GLU A 525 35.94 -23.47 -13.35
CA GLU A 525 36.61 -22.78 -12.24
C GLU A 525 36.33 -21.28 -12.24
N GLU A 526 36.00 -20.74 -13.40
CA GLU A 526 35.61 -19.33 -13.52
C GLU A 526 34.10 -19.16 -13.37
N LYS A 527 33.33 -20.15 -13.81
CA LYS A 527 31.89 -20.18 -13.63
C LYS A 527 31.53 -20.13 -12.13
N LEU A 528 32.52 -20.44 -11.28
CA LEU A 528 32.36 -20.36 -9.82
C LEU A 528 32.65 -18.96 -9.28
N GLN A 529 33.66 -18.30 -9.85
CA GLN A 529 33.94 -16.90 -9.53
C GLN A 529 32.87 -16.00 -10.16
N GLU A 530 32.17 -16.55 -11.16
CA GLU A 530 31.01 -15.92 -11.76
C GLU A 530 29.87 -15.86 -10.74
N LEU A 531 29.44 -17.02 -10.25
CA LEU A 531 28.30 -17.12 -9.36
C LEU A 531 28.56 -16.53 -7.99
N GLU A 532 29.83 -16.57 -7.55
CA GLU A 532 30.23 -15.99 -6.27
C GLU A 532 30.39 -14.48 -6.32
N ALA A 533 30.47 -13.92 -7.52
CA ALA A 533 30.57 -12.47 -7.71
C ALA A 533 29.23 -11.78 -7.48
N ASN A 534 28.16 -12.38 -8.02
CA ASN A 534 26.81 -11.85 -7.86
C ASN A 534 25.89 -12.79 -7.08
N PRO A 535 25.88 -12.65 -5.73
CA PRO A 535 24.85 -13.32 -4.94
C PRO A 535 23.51 -12.60 -5.13
N PRO A 536 22.40 -13.26 -4.80
CA PRO A 536 21.17 -12.47 -4.78
C PRO A 536 21.16 -11.58 -3.54
N SER A 537 20.08 -10.81 -3.36
CA SER A 537 19.94 -9.91 -2.22
C SER A 537 20.16 -10.66 -0.91
N ASP A 538 20.94 -10.05 -0.03
CA ASP A 538 21.27 -10.63 1.28
C ASP A 538 20.03 -10.72 2.18
N VAL A 539 19.40 -9.57 2.43
CA VAL A 539 18.17 -9.49 3.22
C VAL A 539 17.06 -8.87 2.38
N TYR A 540 15.81 -9.07 2.79
CA TYR A 540 14.70 -8.36 2.15
C TYR A 540 14.73 -6.89 2.56
N LEU A 541 14.75 -6.64 3.87
CA LEU A 541 14.90 -5.29 4.42
C LEU A 541 15.75 -5.34 5.68
N SER A 542 16.63 -4.35 5.84
CA SER A 542 17.45 -4.24 7.03
C SER A 542 16.66 -3.59 8.17
N SER A 543 17.26 -3.55 9.36
CA SER A 543 16.65 -2.89 10.52
C SER A 543 16.51 -1.38 10.32
N ARG A 544 17.36 -0.82 9.48
CA ARG A 544 17.27 0.59 9.11
C ARG A 544 16.11 0.76 8.13
N ASP A 545 15.96 -0.20 7.23
CA ASP A 545 14.88 -0.19 6.24
C ASP A 545 13.52 -0.38 6.89
N ARG A 546 13.37 -1.48 7.64
CA ARG A 546 12.12 -1.83 8.31
C ARG A 546 11.61 -0.70 9.22
N GLN A 547 12.53 0.11 9.72
CA GLN A 547 12.18 1.27 10.54
C GLN A 547 11.58 2.40 9.73
N ILE A 548 12.20 2.72 8.59
CA ILE A 548 11.68 3.75 7.68
C ILE A 548 10.33 3.31 7.08
N LEU A 549 10.23 2.01 6.76
CA LEU A 549 8.98 1.43 6.28
C LEU A 549 7.88 1.58 7.32
N ASP A 550 8.25 1.45 8.60
CA ASP A 550 7.33 1.64 9.71
C ASP A 550 6.78 3.06 9.79
N TRP A 551 7.60 4.04 9.43
CA TRP A 551 7.16 5.43 9.35
C TRP A 551 6.07 5.59 8.32
N HIS A 552 6.23 4.90 7.20
CA HIS A 552 5.23 4.93 6.14
C HIS A 552 3.96 4.27 6.56
N PHE A 553 4.08 3.25 7.42
CA PHE A 553 2.91 2.61 8.00
C PHE A 553 2.23 3.52 9.01
N ALA A 554 3.03 4.25 9.79
CA ALA A 554 2.53 5.24 10.72
C ALA A 554 1.70 6.29 10.01
N ASN A 555 2.17 6.69 8.83
CA ASN A 555 1.47 7.66 8.00
C ASN A 555 0.08 7.18 7.57
N LEU A 556 -0.01 5.91 7.19
CA LEU A 556 -1.28 5.29 6.84
C LEU A 556 -2.17 5.19 8.08
N GLU A 557 -1.55 4.89 9.23
CA GLU A 557 -2.26 4.79 10.50
C GLU A 557 -2.78 6.14 10.96
N PHE A 558 -2.09 7.19 10.52
CA PHE A 558 -2.49 8.56 10.78
C PHE A 558 -3.65 8.96 9.87
N ALA A 559 -3.52 8.64 8.59
CA ALA A 559 -4.54 8.94 7.59
C ALA A 559 -5.87 8.23 7.86
N ASN A 560 -5.80 7.10 8.57
CA ASN A 560 -7.00 6.34 8.91
C ASN A 560 -7.29 6.39 10.39
N ALA A 561 -6.46 7.13 11.12
CA ALA A 561 -6.54 7.24 12.58
C ALA A 561 -6.78 5.87 13.25
N THR A 562 -5.96 4.89 12.90
CA THR A 562 -6.10 3.55 13.48
C THR A 562 -4.96 2.60 13.12
N PRO A 563 -4.55 1.74 14.08
CA PRO A 563 -3.69 0.60 13.82
C PRO A 563 -4.16 -0.17 12.59
N LEU A 564 -3.24 -0.38 11.65
CA LEU A 564 -3.54 -1.07 10.39
C LEU A 564 -4.10 -2.48 10.59
N SER A 565 -3.97 -2.98 11.82
CA SER A 565 -4.49 -4.28 12.20
C SER A 565 -6.00 -4.24 12.38
N THR A 566 -6.57 -3.04 12.32
CA THR A 566 -8.01 -2.85 12.52
C THR A 566 -8.75 -2.56 11.21
N LEU A 567 -8.06 -1.90 10.27
CA LEU A 567 -8.62 -1.57 8.95
C LEU A 567 -9.04 -2.80 8.14
N SER A 568 -10.18 -2.69 7.45
CA SER A 568 -10.63 -3.74 6.54
C SER A 568 -9.66 -3.84 5.37
N LEU A 569 -9.29 -5.06 4.99
CA LEU A 569 -8.43 -5.22 3.82
C LEU A 569 -9.16 -4.80 2.55
N LYS A 570 -10.34 -5.37 2.34
CA LYS A 570 -11.09 -5.14 1.12
C LYS A 570 -11.56 -3.70 0.94
N HIS A 571 -11.88 -3.03 2.04
CA HIS A 571 -12.61 -1.77 1.97
C HIS A 571 -11.95 -0.55 2.55
N TRP A 572 -10.78 -0.71 3.18
CA TRP A 572 -10.17 0.41 3.90
C TRP A 572 -10.05 1.67 3.07
N ASP A 573 -10.00 1.50 1.75
CA ASP A 573 -9.87 2.63 0.84
C ASP A 573 -11.04 2.73 -0.15
N GLN A 574 -12.17 2.12 0.20
CA GLN A 574 -13.36 2.14 -0.65
C GLN A 574 -13.76 3.54 -1.13
N ASP A 575 -13.31 4.57 -0.40
CA ASP A 575 -13.66 5.95 -0.73
C ASP A 575 -12.63 6.64 -1.63
N ASP A 576 -11.68 5.88 -2.16
CA ASP A 576 -10.56 6.45 -2.94
C ASP A 576 -10.97 7.14 -4.23
N ASP A 577 -11.99 6.60 -4.90
CA ASP A 577 -12.45 7.13 -6.19
C ASP A 577 -12.91 8.58 -6.12
N PHE A 578 -13.34 9.01 -4.93
CA PHE A 578 -13.98 10.29 -4.77
C PHE A 578 -13.05 11.35 -4.21
N GLU A 579 -11.75 11.05 -4.27
CA GLU A 579 -10.69 11.98 -3.88
C GLU A 579 -10.82 13.25 -4.71
N PHE A 580 -10.64 14.40 -4.06
CA PHE A 580 -10.68 15.67 -4.78
C PHE A 580 -9.38 15.88 -5.55
N THR A 581 -9.34 16.91 -6.39
CA THR A 581 -8.13 17.25 -7.14
C THR A 581 -7.52 18.55 -6.63
N GLY A 582 -6.24 18.73 -6.90
CA GLY A 582 -5.53 19.93 -6.46
C GLY A 582 -4.74 19.72 -5.19
N SER A 583 -3.98 20.74 -4.82
CA SER A 583 -3.11 20.68 -3.65
C SER A 583 -3.93 20.72 -2.38
N HIS A 584 -3.51 19.95 -1.39
CA HIS A 584 -4.07 20.04 -0.05
C HIS A 584 -3.67 21.36 0.56
N LEU A 585 -4.55 21.94 1.37
CA LEU A 585 -4.30 23.26 1.94
C LEU A 585 -4.53 23.27 3.45
N THR A 586 -4.01 24.30 4.11
CA THR A 586 -4.28 24.50 5.53
C THR A 586 -5.08 25.77 5.72
N VAL A 587 -5.89 25.78 6.78
CA VAL A 587 -6.63 26.97 7.14
C VAL A 587 -5.72 27.75 8.08
N ARG A 588 -5.04 28.75 7.52
CA ARG A 588 -3.97 29.46 8.20
C ARG A 588 -4.46 30.31 9.37
N ASN A 589 -5.71 30.77 9.29
CA ASN A 589 -6.34 31.52 10.37
C ASN A 589 -7.14 30.62 11.32
N GLY A 590 -6.97 29.30 11.19
CA GLY A 590 -7.66 28.32 12.03
C GLY A 590 -8.98 27.88 11.43
N TYR A 591 -9.21 26.57 11.42
CA TYR A 591 -10.40 26.00 10.78
C TYR A 591 -11.70 26.44 11.48
N SER A 592 -11.64 26.73 12.77
CA SER A 592 -12.82 27.11 13.55
C SER A 592 -13.58 28.27 12.93
N CYS A 593 -12.86 29.09 12.16
CA CYS A 593 -13.44 30.21 11.44
C CYS A 593 -14.66 29.81 10.61
N VAL A 594 -14.77 28.51 10.29
CA VAL A 594 -15.86 28.00 9.45
C VAL A 594 -17.12 27.64 10.26
N PRO A 595 -17.00 26.70 11.23
CA PRO A 595 -18.17 26.43 12.07
C PRO A 595 -18.70 27.68 12.75
N VAL A 596 -17.80 28.53 13.25
CA VAL A 596 -18.21 29.81 13.85
C VAL A 596 -19.00 30.66 12.85
N ALA A 597 -18.53 30.70 11.61
CA ALA A 597 -19.20 31.46 10.56
C ALA A 597 -20.59 30.88 10.26
N LEU A 598 -20.68 29.55 10.23
CA LEU A 598 -21.95 28.87 9.94
C LEU A 598 -22.93 29.08 11.09
N ALA A 599 -22.40 29.09 12.31
CA ALA A 599 -23.21 29.25 13.53
C ALA A 599 -24.02 30.55 13.57
N GLU A 600 -23.57 31.55 12.81
CA GLU A 600 -24.20 32.86 12.81
C GLU A 600 -25.65 32.81 12.31
N GLY A 601 -26.56 33.20 13.20
CA GLY A 601 -27.98 33.27 12.88
C GLY A 601 -28.81 32.11 13.38
N LEU A 602 -28.17 31.16 14.06
CA LEU A 602 -28.84 29.93 14.46
C LEU A 602 -29.09 29.84 15.95
N ASP A 603 -30.20 29.22 16.33
CA ASP A 603 -30.53 29.01 17.73
C ASP A 603 -29.74 27.84 18.29
N ILE A 604 -28.60 28.15 18.91
CA ILE A 604 -27.70 27.12 19.43
C ILE A 604 -27.66 27.18 20.95
N LYS A 605 -28.06 26.09 21.60
CA LYS A 605 -27.96 25.99 23.05
C LYS A 605 -26.65 25.30 23.41
N LEU A 606 -25.66 26.09 23.82
CA LEU A 606 -24.37 25.55 24.25
C LEU A 606 -24.48 25.00 25.67
N ASN A 607 -23.48 24.22 26.08
CA ASN A 607 -23.48 23.57 27.40
C ASN A 607 -24.73 22.75 27.70
N THR A 608 -25.24 22.06 26.67
CA THR A 608 -26.50 21.33 26.77
C THR A 608 -26.30 19.89 26.29
N ALA A 609 -26.13 18.97 27.25
CA ALA A 609 -25.84 17.59 26.94
C ALA A 609 -27.11 16.75 26.82
N VAL A 610 -27.42 16.32 25.60
CA VAL A 610 -28.55 15.43 25.36
C VAL A 610 -28.33 14.10 26.08
N ARG A 611 -29.35 13.68 26.82
CA ARG A 611 -29.27 12.47 27.64
C ARG A 611 -30.18 11.37 27.10
N GLN A 612 -31.27 11.77 26.46
CA GLN A 612 -32.28 10.84 25.99
C GLN A 612 -33.07 11.41 24.82
N VAL A 613 -33.21 10.60 23.78
CA VAL A 613 -34.02 10.96 22.62
C VAL A 613 -35.22 10.04 22.56
N ARG A 614 -36.40 10.65 22.68
CA ARG A 614 -37.67 9.92 22.60
C ARG A 614 -38.37 10.33 21.32
N TYR A 615 -38.65 9.34 20.48
CA TYR A 615 -39.35 9.57 19.23
C TYR A 615 -40.57 8.65 19.18
N THR A 616 -41.72 9.22 18.85
CA THR A 616 -42.97 8.47 18.77
C THR A 616 -43.73 8.85 17.50
N ALA A 617 -44.75 8.08 17.17
CA ALA A 617 -45.58 8.30 15.98
C ALA A 617 -46.01 9.76 15.82
N SER A 618 -46.24 10.42 16.94
CA SER A 618 -46.80 11.77 16.94
C SER A 618 -45.76 12.87 17.14
N GLY A 619 -44.49 12.49 17.24
CA GLY A 619 -43.42 13.47 17.44
C GLY A 619 -42.37 13.00 18.42
N CYS A 620 -41.38 13.87 18.65
CA CYS A 620 -40.25 13.53 19.50
C CYS A 620 -40.08 14.51 20.66
N GLU A 621 -39.54 14.00 21.76
CA GLU A 621 -39.02 14.85 22.82
C GLU A 621 -37.59 14.49 23.20
N VAL A 622 -36.76 15.53 23.31
CA VAL A 622 -35.34 15.37 23.63
C VAL A 622 -35.08 15.91 25.03
N ILE A 623 -34.45 15.09 25.86
CA ILE A 623 -34.11 15.48 27.22
C ILE A 623 -32.61 15.75 27.35
N ALA A 624 -32.28 17.01 27.62
CA ALA A 624 -30.89 17.42 27.79
C ALA A 624 -30.68 18.02 29.19
N VAL A 625 -29.43 18.02 29.65
CA VAL A 625 -29.08 18.64 30.92
C VAL A 625 -28.04 19.76 30.69
N ASN A 626 -27.78 20.53 31.74
CA ASN A 626 -26.76 21.57 31.68
C ASN A 626 -25.42 21.00 32.15
N THR A 627 -24.42 21.01 31.26
CA THR A 627 -23.12 20.42 31.53
C THR A 627 -22.46 20.97 32.80
N ARG A 628 -22.74 22.24 33.10
CA ARG A 628 -22.23 22.88 34.31
C ARG A 628 -22.88 22.29 35.58
N SER A 629 -24.10 22.71 35.92
CA SER A 629 -24.87 22.05 36.99
C SER A 629 -25.81 21.01 36.38
N THR A 630 -25.45 19.74 36.51
CA THR A 630 -26.05 18.67 35.69
C THR A 630 -27.45 18.21 36.09
N SER A 631 -27.90 18.61 37.28
CA SER A 631 -29.23 18.24 37.77
C SER A 631 -30.32 19.15 37.19
N GLN A 632 -29.90 20.21 36.49
CA GLN A 632 -30.81 21.13 35.82
C GLN A 632 -31.23 20.61 34.43
N THR A 633 -32.50 20.25 34.30
CA THR A 633 -33.02 19.46 33.17
C THR A 633 -33.79 20.27 32.11
N PHE A 634 -33.71 19.82 30.86
CA PHE A 634 -34.42 20.44 29.75
C PHE A 634 -35.24 19.42 28.95
N ILE A 635 -36.38 19.86 28.43
CA ILE A 635 -37.22 19.03 27.55
C ILE A 635 -37.53 19.80 26.28
N TYR A 636 -37.31 19.13 25.14
CA TYR A 636 -37.58 19.73 23.84
C TYR A 636 -38.55 18.88 23.03
N LYS A 637 -39.62 19.51 22.58
CA LYS A 637 -40.63 18.85 21.76
C LYS A 637 -40.42 19.25 20.31
N CYS A 638 -40.45 18.27 19.41
CA CYS A 638 -40.16 18.51 18.00
C CYS A 638 -40.79 17.47 17.09
N ASP A 639 -40.94 17.83 15.83
CA ASP A 639 -41.45 16.93 14.80
C ASP A 639 -40.40 15.88 14.42
N ALA A 640 -39.13 16.30 14.40
CA ALA A 640 -38.02 15.44 14.03
C ALA A 640 -36.73 15.77 14.77
N VAL A 641 -35.92 14.75 15.01
CA VAL A 641 -34.59 14.91 15.58
C VAL A 641 -33.53 14.58 14.54
N LEU A 642 -32.55 15.48 14.40
CA LEU A 642 -31.37 15.19 13.60
C LEU A 642 -30.20 14.93 14.54
N CYS A 643 -29.73 13.70 14.51
CA CYS A 643 -28.68 13.23 15.39
C CYS A 643 -27.31 13.30 14.69
N THR A 644 -26.46 14.20 15.14
CA THR A 644 -25.11 14.31 14.58
C THR A 644 -24.04 13.86 15.59
N LEU A 645 -24.48 13.09 16.59
CA LEU A 645 -23.58 12.50 17.57
C LEU A 645 -22.45 11.74 16.90
N PRO A 646 -21.19 12.02 17.30
CA PRO A 646 -20.06 11.24 16.81
C PRO A 646 -20.31 9.75 17.00
N LEU A 647 -19.72 8.94 16.11
CA LEU A 647 -19.83 7.49 16.20
C LEU A 647 -19.30 6.96 17.53
N GLY A 648 -18.16 7.49 17.96
CA GLY A 648 -17.58 7.14 19.26
C GLY A 648 -18.55 7.36 20.40
N VAL A 649 -19.36 8.41 20.27
CA VAL A 649 -20.42 8.69 21.25
C VAL A 649 -21.53 7.65 21.15
N LEU A 650 -22.02 7.43 19.93
CA LEU A 650 -23.04 6.41 19.67
C LEU A 650 -22.58 5.02 20.11
N LYS A 651 -21.27 4.87 20.24
CA LYS A 651 -20.65 3.60 20.61
C LYS A 651 -20.57 3.38 22.13
N GLN A 652 -20.54 4.48 22.89
CA GLN A 652 -20.34 4.43 24.34
C GLN A 652 -21.06 3.28 25.03
N GLN A 653 -20.28 2.51 25.79
CA GLN A 653 -20.84 1.48 26.65
C GLN A 653 -20.31 1.63 28.08
N PRO A 654 -21.20 1.95 29.03
CA PRO A 654 -22.65 2.13 28.83
C PRO A 654 -23.01 3.48 28.21
N PRO A 655 -24.18 3.57 27.54
CA PRO A 655 -24.59 4.67 26.64
C PRO A 655 -24.57 6.05 27.28
N ALA A 656 -24.10 7.05 26.53
CA ALA A 656 -24.15 8.44 26.98
C ALA A 656 -25.52 9.02 26.67
N VAL A 657 -26.06 8.63 25.52
CA VAL A 657 -27.39 9.06 25.09
C VAL A 657 -28.28 7.83 24.97
N GLN A 658 -29.49 7.94 25.51
CA GLN A 658 -30.45 6.84 25.48
C GLN A 658 -31.52 7.07 24.43
N PHE A 659 -31.78 6.05 23.62
CA PHE A 659 -32.83 6.14 22.62
C PHE A 659 -34.09 5.40 23.06
N VAL A 660 -35.21 6.12 23.04
CA VAL A 660 -36.49 5.60 23.48
C VAL A 660 -37.52 5.74 22.34
N PRO A 661 -37.91 4.61 21.71
CA PRO A 661 -37.47 3.24 21.97
C PRO A 661 -36.04 2.99 21.47
N PRO A 662 -35.43 1.84 21.84
CA PRO A 662 -34.05 1.59 21.43
C PRO A 662 -33.92 1.60 19.91
N LEU A 663 -32.74 1.99 19.42
CA LEU A 663 -32.45 1.93 18.00
C LEU A 663 -32.55 0.48 17.54
N PRO A 664 -33.15 0.26 16.36
CA PRO A 664 -33.30 -1.11 15.87
C PRO A 664 -31.94 -1.77 15.68
N GLU A 665 -31.92 -3.09 15.77
CA GLU A 665 -30.68 -3.88 15.71
C GLU A 665 -29.84 -3.67 14.44
N TRP A 666 -30.49 -3.39 13.31
CA TRP A 666 -29.76 -3.12 12.07
C TRP A 666 -28.93 -1.87 12.17
N LYS A 667 -29.40 -0.91 12.97
CA LYS A 667 -28.66 0.33 13.20
C LYS A 667 -27.52 0.11 14.19
N THR A 668 -27.80 -0.60 15.29
CA THR A 668 -26.81 -0.75 16.38
C THR A 668 -25.67 -1.70 16.00
N SER A 669 -25.95 -2.62 15.07
CA SER A 669 -24.92 -3.51 14.54
C SER A 669 -23.97 -2.73 13.64
N ALA A 670 -24.52 -1.79 12.89
CA ALA A 670 -23.72 -0.89 12.07
C ALA A 670 -22.83 -0.03 12.96
N VAL A 671 -23.36 0.39 14.11
CA VAL A 671 -22.59 1.17 15.07
C VAL A 671 -21.42 0.37 15.65
N GLN A 672 -21.66 -0.92 15.91
CA GLN A 672 -20.60 -1.79 16.42
C GLN A 672 -19.55 -2.14 15.38
N ARG A 673 -20.00 -2.67 14.23
CA ARG A 673 -19.11 -3.10 13.16
C ARG A 673 -18.15 -2.00 12.72
N MET A 674 -18.68 -0.78 12.58
CA MET A 674 -17.90 0.36 12.14
C MET A 674 -16.75 0.67 13.09
N GLY A 675 -15.66 1.17 12.54
CA GLY A 675 -14.52 1.58 13.33
C GLY A 675 -14.55 3.06 13.60
N PHE A 676 -14.21 3.44 14.83
CA PHE A 676 -14.03 4.85 15.16
C PHE A 676 -12.64 5.03 15.74
N GLY A 677 -11.76 5.61 14.94
CA GLY A 677 -10.35 5.72 15.27
C GLY A 677 -9.95 6.88 16.16
N ASN A 678 -8.64 7.07 16.25
CA ASN A 678 -8.04 8.03 17.16
C ASN A 678 -6.70 8.50 16.63
N LEU A 679 -6.45 9.80 16.73
CA LEU A 679 -5.17 10.42 16.40
C LEU A 679 -5.08 11.74 17.16
N ASN A 680 -3.89 12.08 17.64
CA ASN A 680 -3.72 13.26 18.47
C ASN A 680 -2.65 14.23 18.02
N LYS A 681 -2.79 15.50 18.42
CA LYS A 681 -1.89 16.56 17.99
C LYS A 681 -1.20 17.23 19.17
N VAL A 682 0.10 17.50 19.02
CA VAL A 682 0.85 18.27 20.01
C VAL A 682 1.27 19.60 19.42
N VAL A 683 0.82 20.67 20.06
CA VAL A 683 1.08 22.04 19.61
C VAL A 683 2.27 22.62 20.34
N LEU A 684 3.30 22.99 19.60
CA LEU A 684 4.51 23.58 20.17
C LEU A 684 4.71 25.01 19.68
N CYS A 685 4.60 25.95 20.61
CA CYS A 685 4.72 27.38 20.30
C CYS A 685 6.04 27.92 20.82
N PHE A 686 6.81 28.53 19.91
CA PHE A 686 8.13 29.04 20.25
C PHE A 686 8.23 30.54 20.05
N ASP A 687 9.40 31.10 20.38
CA ASP A 687 9.68 32.52 20.15
C ASP A 687 10.37 32.75 18.80
N ARG A 688 10.79 31.67 18.15
CA ARG A 688 11.55 31.76 16.91
C ARG A 688 11.51 30.49 16.05
N VAL A 689 11.61 30.67 14.75
CA VAL A 689 11.78 29.56 13.81
C VAL A 689 13.19 28.99 13.98
N PHE A 690 13.31 27.67 14.04
CA PHE A 690 14.62 27.02 14.06
C PHE A 690 14.67 25.83 13.08
N TRP A 691 13.60 25.68 12.31
CA TRP A 691 13.48 24.62 11.33
C TRP A 691 13.52 25.21 9.96
N ASP A 692 13.61 24.35 8.94
CA ASP A 692 13.57 24.81 7.56
C ASP A 692 12.20 25.44 7.27
N PRO A 693 12.15 26.79 7.14
CA PRO A 693 10.92 27.56 6.97
C PRO A 693 10.22 27.31 5.64
N SER A 694 10.96 26.80 4.66
CA SER A 694 10.40 26.47 3.35
C SER A 694 9.87 25.04 3.32
N VAL A 695 10.04 24.33 4.43
CA VAL A 695 9.54 22.96 4.58
C VAL A 695 8.33 22.94 5.52
N ASN A 696 7.22 22.40 5.03
CA ASN A 696 5.99 22.32 5.80
C ASN A 696 5.96 21.13 6.77
N LEU A 697 6.26 19.95 6.26
CA LEU A 697 6.21 18.74 7.07
C LEU A 697 7.53 17.99 7.04
N PHE A 698 7.92 17.42 8.19
CA PHE A 698 9.08 16.55 8.24
C PHE A 698 8.92 15.42 9.24
N GLY A 699 9.22 14.20 8.80
CA GLY A 699 9.03 13.02 9.62
C GLY A 699 10.12 12.78 10.63
N HIS A 700 9.78 12.01 11.66
CA HIS A 700 10.75 11.45 12.59
C HIS A 700 10.54 9.97 12.62
N VAL A 701 11.59 9.22 12.30
CA VAL A 701 11.51 7.77 12.27
C VAL A 701 11.69 7.23 13.68
N GLY A 702 10.72 6.45 14.15
CA GLY A 702 10.76 5.86 15.48
C GLY A 702 11.73 4.71 15.56
N SER A 703 11.99 4.25 16.78
CA SER A 703 12.94 3.17 17.04
C SER A 703 12.34 1.77 16.85
N THR A 704 11.06 1.64 17.15
CA THR A 704 10.38 0.35 17.12
C THR A 704 9.15 0.38 16.24
N THR A 705 8.61 -0.81 15.95
CA THR A 705 7.31 -0.93 15.32
C THR A 705 6.24 -0.38 16.28
N ALA A 706 6.40 -0.71 17.57
CA ALA A 706 5.44 -0.31 18.61
C ALA A 706 5.24 1.19 18.73
N SER A 707 6.30 1.96 18.53
CA SER A 707 6.23 3.41 18.69
C SER A 707 6.26 4.14 17.33
N ARG A 708 5.91 3.43 16.26
CA ARG A 708 6.05 3.99 14.92
C ARG A 708 5.23 5.27 14.71
N GLY A 709 4.11 5.38 15.42
CA GLY A 709 3.23 6.54 15.33
C GLY A 709 3.48 7.62 16.35
N GLU A 710 4.38 7.37 17.30
CA GLU A 710 4.69 8.32 18.36
C GLU A 710 5.51 9.51 17.88
N LEU A 711 4.85 10.65 17.75
CA LEU A 711 5.49 11.89 17.30
C LEU A 711 6.23 11.73 15.96
N PHE A 712 5.61 10.95 15.07
CA PHE A 712 6.24 10.51 13.84
C PHE A 712 6.36 11.61 12.77
N LEU A 713 5.59 12.67 12.93
CA LEU A 713 5.51 13.73 11.92
C LEU A 713 5.36 15.10 12.58
N PHE A 714 5.87 16.13 11.90
CA PHE A 714 5.83 17.51 12.40
C PHE A 714 5.37 18.48 11.31
N TRP A 715 4.50 19.42 11.67
CA TRP A 715 3.97 20.39 10.70
C TRP A 715 4.42 21.79 11.01
N ASN A 716 5.01 22.44 10.00
CA ASN A 716 5.24 23.88 10.01
C ASN A 716 4.25 24.50 9.02
N LEU A 717 3.13 25.01 9.55
CA LEU A 717 2.03 25.46 8.69
C LEU A 717 1.58 26.87 8.96
N TYR A 718 1.82 27.36 10.17
CA TYR A 718 1.22 28.61 10.61
C TYR A 718 2.14 29.81 10.53
N LYS A 719 1.53 31.00 10.48
CA LYS A 719 2.25 32.28 10.41
C LYS A 719 3.23 32.41 11.57
N ALA A 720 2.72 32.17 12.78
CA ALA A 720 3.52 32.20 14.00
C ALA A 720 4.47 30.99 14.06
N PRO A 721 5.52 31.07 14.90
CA PRO A 721 6.45 29.96 15.12
C PRO A 721 5.81 28.79 15.88
N ILE A 722 5.02 27.98 15.18
CA ILE A 722 4.42 26.79 15.76
C ILE A 722 4.84 25.56 14.99
N LEU A 723 5.30 24.56 15.72
CA LEU A 723 5.47 23.23 15.17
C LEU A 723 4.41 22.32 15.77
N LEU A 724 3.73 21.58 14.91
CA LEU A 724 2.67 20.67 15.34
C LEU A 724 3.18 19.25 15.17
N ALA A 725 2.87 18.38 16.14
CA ALA A 725 3.38 17.01 16.13
C ALA A 725 2.28 15.94 16.27
N LEU A 726 2.21 15.06 15.28
CA LEU A 726 1.20 14.00 15.25
C LEU A 726 1.55 12.83 16.15
N VAL A 727 0.53 12.27 16.81
CA VAL A 727 0.64 11.01 17.51
C VAL A 727 -0.40 10.08 16.91
N ALA A 728 0.07 9.09 16.15
CA ALA A 728 -0.83 8.23 15.37
C ALA A 728 -0.75 6.76 15.80
N GLY A 729 -1.46 5.92 15.06
CA GLY A 729 -1.46 4.46 15.29
C GLY A 729 -1.76 4.06 16.72
N GLU A 730 -1.11 2.98 17.16
CA GLU A 730 -1.25 2.47 18.53
C GLU A 730 -0.78 3.48 19.58
N ALA A 731 0.24 4.27 19.23
CA ALA A 731 0.79 5.29 20.12
C ALA A 731 -0.26 6.29 20.58
N ALA A 732 -1.10 6.74 19.65
CA ALA A 732 -2.15 7.73 19.93
C ALA A 732 -2.94 7.42 21.20
N GLY A 733 -3.43 6.18 21.28
CA GLY A 733 -4.23 5.71 22.41
C GLY A 733 -3.49 5.61 23.73
N ILE A 734 -2.18 5.42 23.66
CA ILE A 734 -1.37 5.28 24.86
C ILE A 734 -0.85 6.61 25.39
N MET A 735 -0.44 7.50 24.49
CA MET A 735 0.07 8.82 24.84
C MET A 735 -0.94 9.67 25.61
N GLU A 736 -2.22 9.29 25.51
CA GLU A 736 -3.30 9.97 26.23
C GLU A 736 -3.19 9.78 27.74
N ASN A 737 -2.49 8.73 28.16
CA ASN A 737 -2.21 8.44 29.57
C ASN A 737 -0.94 9.09 30.10
N ILE A 738 -0.23 9.79 29.23
CA ILE A 738 1.04 10.42 29.58
C ILE A 738 0.81 11.94 29.67
N SER A 739 1.41 12.56 30.69
CA SER A 739 1.26 14.01 30.90
C SER A 739 1.90 14.82 29.78
N ASP A 740 1.49 16.08 29.69
CA ASP A 740 1.92 16.97 28.61
C ASP A 740 3.43 17.21 28.59
N ASP A 741 4.03 17.33 29.78
CA ASP A 741 5.47 17.57 29.92
C ASP A 741 6.27 16.40 29.36
N VAL A 742 5.92 15.18 29.79
CA VAL A 742 6.53 13.97 29.28
C VAL A 742 6.45 13.96 27.75
N ILE A 743 5.28 14.32 27.21
CA ILE A 743 5.07 14.41 25.77
C ILE A 743 5.94 15.49 25.13
N VAL A 744 5.91 16.70 25.70
CA VAL A 744 6.71 17.82 25.20
C VAL A 744 8.22 17.53 25.34
N GLY A 745 8.58 16.77 26.37
CA GLY A 745 9.96 16.32 26.56
C GLY A 745 10.43 15.54 25.35
N ARG A 746 9.67 14.52 24.99
CA ARG A 746 9.98 13.68 23.83
C ARG A 746 9.98 14.50 22.54
N CYS A 747 9.10 15.50 22.48
CA CYS A 747 9.01 16.43 21.35
C CYS A 747 10.30 17.23 21.18
N LEU A 748 10.80 17.76 22.28
CA LEU A 748 12.01 18.57 22.27
C LEU A 748 13.23 17.69 21.99
N ALA A 749 13.32 16.56 22.68
CA ALA A 749 14.38 15.58 22.43
C ALA A 749 14.50 15.30 20.93
N ILE A 750 13.40 14.89 20.31
CA ILE A 750 13.38 14.61 18.87
C ILE A 750 13.88 15.81 18.07
N LEU A 751 13.38 17.00 18.42
CA LEU A 751 13.75 18.25 17.74
C LEU A 751 15.23 18.60 17.91
N LYS A 752 15.76 18.37 19.11
CA LYS A 752 17.20 18.54 19.39
C LYS A 752 18.01 17.62 18.49
N GLY A 753 17.70 16.32 18.57
CA GLY A 753 18.33 15.32 17.73
C GLY A 753 18.46 15.76 16.27
N ILE A 754 17.42 16.40 15.76
CA ILE A 754 17.39 16.83 14.36
C ILE A 754 18.10 18.16 14.14
N PHE A 755 17.77 19.17 14.96
CA PHE A 755 18.22 20.54 14.71
C PHE A 755 19.38 21.04 15.56
N GLY A 756 19.94 20.15 16.39
CA GLY A 756 21.01 20.53 17.30
C GLY A 756 20.45 20.87 18.66
N SER A 757 21.16 20.42 19.70
CA SER A 757 20.68 20.46 21.09
C SER A 757 20.48 21.88 21.67
N SER A 758 21.03 22.89 21.03
CA SER A 758 20.92 24.26 21.53
C SER A 758 20.11 25.19 20.62
N ALA A 759 19.81 24.72 19.40
CA ALA A 759 18.96 25.46 18.48
C ALA A 759 17.48 25.35 18.85
N VAL A 760 17.16 24.35 19.68
CA VAL A 760 15.78 24.07 20.11
C VAL A 760 15.54 24.62 21.52
N PRO A 761 14.85 25.77 21.62
CA PRO A 761 14.60 26.41 22.91
C PRO A 761 13.45 25.75 23.66
N GLN A 762 13.17 26.27 24.87
CA GLN A 762 11.99 25.83 25.61
C GLN A 762 10.74 26.47 25.04
N PRO A 763 9.68 25.66 24.82
CA PRO A 763 8.44 26.15 24.19
C PRO A 763 7.66 27.10 25.09
N LYS A 764 7.23 28.21 24.53
CA LYS A 764 6.45 29.21 25.29
C LYS A 764 5.06 28.69 25.65
N GLU A 765 4.36 28.08 24.68
CA GLU A 765 3.02 27.52 24.89
C GLU A 765 2.89 26.11 24.29
N THR A 766 2.29 25.19 25.05
CA THR A 766 2.09 23.81 24.58
C THR A 766 0.66 23.31 24.82
N VAL A 767 0.12 22.59 23.84
CA VAL A 767 -1.21 21.97 23.95
C VAL A 767 -1.18 20.53 23.42
N VAL A 768 -1.84 19.62 24.15
CA VAL A 768 -1.92 18.22 23.76
C VAL A 768 -3.39 17.80 23.67
N SER A 769 -3.81 17.30 22.51
CA SER A 769 -5.17 16.79 22.35
C SER A 769 -5.33 15.38 22.92
N ARG A 770 -6.54 15.04 23.35
CA ARG A 770 -6.88 13.68 23.78
C ARG A 770 -8.30 13.33 23.34
N TRP A 771 -8.45 12.99 22.06
CA TRP A 771 -9.77 12.80 21.45
C TRP A 771 -10.52 11.60 21.95
N ARG A 772 -9.81 10.49 22.19
CA ARG A 772 -10.45 9.30 22.74
C ARG A 772 -10.98 9.56 24.16
N ALA A 773 -10.25 10.37 24.93
CA ALA A 773 -10.67 10.75 26.27
C ALA A 773 -11.84 11.73 26.25
N ASP A 774 -11.83 12.66 25.29
CA ASP A 774 -12.88 13.66 25.11
C ASP A 774 -14.27 13.00 25.07
N PRO A 775 -15.14 13.32 26.06
CA PRO A 775 -16.47 12.70 26.17
C PRO A 775 -17.47 13.06 25.06
N TRP A 776 -17.18 14.11 24.28
CA TRP A 776 -18.07 14.55 23.20
C TRP A 776 -17.57 14.13 21.84
N ALA A 777 -16.52 13.31 21.84
CA ALA A 777 -16.00 12.71 20.63
C ALA A 777 -15.81 11.21 20.84
N ARG A 778 -15.02 10.85 21.84
CA ARG A 778 -14.67 9.45 22.13
C ARG A 778 -13.84 8.88 20.99
N GLY A 779 -13.06 9.75 20.35
CA GLY A 779 -12.22 9.38 19.21
C GLY A 779 -12.10 10.52 18.21
N SER A 780 -11.40 10.25 17.10
CA SER A 780 -11.11 11.29 16.13
C SER A 780 -12.07 11.27 14.94
N TYR A 781 -12.07 10.17 14.20
CA TYR A 781 -13.00 9.95 13.10
C TYR A 781 -13.08 8.48 12.75
N SER A 782 -14.10 8.11 11.99
CA SER A 782 -14.36 6.70 11.69
C SER A 782 -13.46 6.16 10.60
N TYR A 783 -13.31 4.84 10.60
CA TYR A 783 -12.60 4.12 9.56
C TYR A 783 -13.41 2.88 9.20
N VAL A 784 -13.10 2.26 8.07
CA VAL A 784 -13.75 1.01 7.69
C VAL A 784 -13.04 -0.13 8.44
N ALA A 785 -13.61 -0.55 9.56
CA ALA A 785 -13.02 -1.64 10.34
C ALA A 785 -13.09 -2.94 9.56
N ALA A 786 -12.23 -3.89 9.93
CA ALA A 786 -12.28 -5.21 9.34
C ALA A 786 -13.58 -5.91 9.72
N GLY A 787 -14.35 -6.28 8.72
CA GLY A 787 -15.68 -6.86 8.93
C GLY A 787 -16.78 -5.83 8.71
N SER A 788 -16.40 -4.60 8.42
CA SER A 788 -17.34 -3.56 8.03
C SER A 788 -17.23 -3.38 6.52
N SER A 789 -18.01 -2.45 5.98
CA SER A 789 -17.89 -2.04 4.59
C SER A 789 -18.34 -0.59 4.46
N GLY A 790 -18.28 -0.05 3.25
CA GLY A 790 -18.75 1.30 3.00
C GLY A 790 -20.25 1.36 3.13
N ASN A 791 -20.86 0.17 3.08
CA ASN A 791 -22.29 0.02 3.18
C ASN A 791 -22.83 0.33 4.58
N ASP A 792 -22.05 0.00 5.61
CA ASP A 792 -22.40 0.35 6.99
C ASP A 792 -22.63 1.85 7.18
N TYR A 793 -21.89 2.66 6.41
CA TYR A 793 -22.06 4.10 6.39
C TYR A 793 -23.46 4.51 5.92
N ASP A 794 -24.01 3.75 4.97
CA ASP A 794 -25.37 3.98 4.47
C ASP A 794 -26.39 3.66 5.54
N LEU A 795 -26.23 2.49 6.16
CA LEU A 795 -27.06 2.11 7.31
C LEU A 795 -27.07 3.22 8.36
N MET A 796 -25.91 3.80 8.65
CA MET A 796 -25.82 4.92 9.58
C MET A 796 -26.74 6.08 9.19
N ALA A 797 -26.86 6.33 7.89
CA ALA A 797 -27.60 7.49 7.40
C ALA A 797 -29.12 7.27 7.36
N GLN A 798 -29.54 6.01 7.28
CA GLN A 798 -30.97 5.65 7.23
C GLN A 798 -31.76 6.16 8.44
N PRO A 799 -32.82 6.95 8.19
CA PRO A 799 -33.66 7.46 9.28
C PRO A 799 -34.49 6.36 9.96
N ILE A 800 -34.91 6.62 11.19
CA ILE A 800 -35.74 5.69 11.95
C ILE A 800 -37.21 6.13 11.98
N THR A 801 -38.10 5.17 11.74
CA THR A 801 -39.53 5.41 11.75
C THR A 801 -40.14 4.63 12.92
N PRO A 802 -40.71 5.37 13.90
CA PRO A 802 -41.27 4.74 15.10
C PRO A 802 -42.49 3.88 14.76
N GLY A 803 -42.84 2.96 15.65
CA GLY A 803 -44.07 2.19 15.52
C GLY A 803 -45.29 3.09 15.66
N PRO A 804 -46.49 2.57 15.33
CA PRO A 804 -47.67 3.41 15.49
C PRO A 804 -48.07 3.53 16.97
N SER A 805 -48.66 4.68 17.33
CA SER A 805 -49.17 4.90 18.70
C SER A 805 -50.35 3.97 18.97
N ILE A 806 -51.49 4.27 18.36
CA ILE A 806 -52.65 3.38 18.35
C ILE A 806 -52.34 2.22 17.39
N PRO A 807 -52.48 0.97 17.85
CA PRO A 807 -52.28 -0.17 16.95
C PRO A 807 -53.34 -0.16 15.84
N GLY A 808 -52.94 -0.52 14.62
CA GLY A 808 -53.84 -0.44 13.48
C GLY A 808 -53.87 0.93 12.82
N ALA A 809 -53.19 1.90 13.41
CA ALA A 809 -53.02 3.22 12.79
C ALA A 809 -51.90 3.15 11.75
N PRO A 810 -52.03 3.92 10.65
CA PRO A 810 -51.12 3.84 9.50
C PRO A 810 -49.64 4.04 9.82
N GLN A 811 -48.78 3.54 8.94
CA GLN A 811 -47.32 3.70 9.03
C GLN A 811 -46.93 5.16 9.20
N PRO A 812 -46.23 5.49 10.30
CA PRO A 812 -45.87 6.88 10.55
C PRO A 812 -44.75 7.41 9.65
N ILE A 813 -44.63 8.73 9.66
CA ILE A 813 -43.48 9.48 9.15
C ILE A 813 -42.20 8.99 9.85
N PRO A 814 -41.03 9.07 9.16
CA PRO A 814 -39.76 8.91 9.86
C PRO A 814 -39.49 10.09 10.78
N ARG A 815 -38.92 9.82 11.95
CA ARG A 815 -38.76 10.83 13.00
C ARG A 815 -37.31 11.13 13.38
N LEU A 816 -36.48 10.08 13.42
CA LEU A 816 -35.08 10.21 13.85
C LEU A 816 -34.14 10.10 12.66
N PHE A 817 -33.37 11.15 12.43
CA PHE A 817 -32.48 11.25 11.27
C PHE A 817 -31.01 11.37 11.69
N PHE A 818 -30.09 10.95 10.83
CA PHE A 818 -28.66 10.94 11.16
C PHE A 818 -27.77 11.60 10.12
N ALA A 819 -27.01 12.60 10.56
CA ALA A 819 -25.94 13.16 9.75
C ALA A 819 -24.63 12.95 10.47
N GLY A 820 -23.53 13.26 9.79
CA GLY A 820 -22.23 13.14 10.40
C GLY A 820 -21.23 12.45 9.51
N GLU A 821 -19.96 12.79 9.74
CA GLU A 821 -18.80 12.16 9.14
C GLU A 821 -18.98 10.64 8.95
N HIS A 822 -19.60 9.98 9.93
CA HIS A 822 -19.78 8.53 9.93
C HIS A 822 -20.96 8.06 9.12
N THR A 823 -21.65 8.98 8.45
CA THR A 823 -22.88 8.65 7.71
C THR A 823 -22.76 8.83 6.20
N ILE A 824 -21.62 9.34 5.75
CA ILE A 824 -21.43 9.63 4.34
C ILE A 824 -20.36 8.73 3.70
N ARG A 825 -20.85 7.61 3.14
CA ARG A 825 -20.05 6.56 2.50
C ARG A 825 -18.94 7.05 1.57
N ASN A 826 -19.24 8.05 0.74
CA ASN A 826 -18.28 8.53 -0.26
C ASN A 826 -17.31 9.61 0.20
N TYR A 827 -17.53 10.14 1.41
CA TYR A 827 -16.63 11.16 1.97
C TYR A 827 -16.53 11.06 3.49
N PRO A 828 -16.27 9.84 4.01
CA PRO A 828 -16.23 9.71 5.47
C PRO A 828 -15.05 10.47 6.09
N ALA A 829 -15.05 10.53 7.42
CA ALA A 829 -13.92 11.03 8.19
C ALA A 829 -13.42 12.44 7.81
N THR A 830 -14.23 13.24 7.13
CA THR A 830 -13.80 14.58 6.71
C THR A 830 -14.79 15.68 7.07
N VAL A 831 -14.33 16.94 6.98
CA VAL A 831 -15.21 18.09 7.17
C VAL A 831 -16.20 18.22 6.03
N HIS A 832 -15.71 18.23 4.80
CA HIS A 832 -16.60 18.30 3.64
C HIS A 832 -17.62 17.20 3.66
N GLY A 833 -17.19 16.01 4.07
CA GLY A 833 -18.10 14.86 4.18
C GLY A 833 -19.20 15.09 5.19
N ALA A 834 -18.83 15.56 6.37
CA ALA A 834 -19.80 15.93 7.39
C ALA A 834 -20.76 16.98 6.83
N LEU A 835 -20.19 18.10 6.42
CA LEU A 835 -20.91 19.20 5.77
C LEU A 835 -21.93 18.68 4.76
N LEU A 836 -21.49 17.75 3.90
CA LEU A 836 -22.37 17.19 2.88
C LEU A 836 -23.50 16.35 3.46
N SER A 837 -23.20 15.59 4.51
CA SER A 837 -24.20 14.73 5.16
C SER A 837 -25.28 15.58 5.79
N GLY A 838 -24.87 16.71 6.37
CA GLY A 838 -25.78 17.71 6.92
C GLY A 838 -26.70 18.27 5.85
N LEU A 839 -26.12 18.58 4.68
CA LEU A 839 -26.92 19.05 3.57
C LEU A 839 -27.90 17.96 3.15
N ARG A 840 -27.40 16.73 3.08
CA ARG A 840 -28.21 15.55 2.72
C ARG A 840 -29.46 15.44 3.57
N GLU A 841 -29.28 15.41 4.89
CA GLU A 841 -30.40 15.19 5.81
C GLU A 841 -31.39 16.33 5.80
N ALA A 842 -30.88 17.56 5.75
CA ALA A 842 -31.73 18.74 5.65
C ALA A 842 -32.64 18.65 4.42
N GLY A 843 -32.10 18.16 3.31
CA GLY A 843 -32.90 17.91 2.12
C GLY A 843 -33.99 16.91 2.42
N ARG A 844 -33.60 15.77 2.98
CA ARG A 844 -34.50 14.67 3.25
C ARG A 844 -35.59 15.06 4.25
N ILE A 845 -35.20 15.79 5.30
CA ILE A 845 -36.13 16.26 6.32
C ILE A 845 -37.14 17.25 5.75
N ALA A 846 -36.68 18.19 4.93
CA ALA A 846 -37.56 19.14 4.27
C ALA A 846 -38.55 18.43 3.34
N ASP A 847 -38.05 17.55 2.48
CA ASP A 847 -38.91 16.70 1.65
C ASP A 847 -40.00 16.04 2.49
N GLN A 848 -39.61 15.56 3.67
CA GLN A 848 -40.49 14.80 4.54
C GLN A 848 -41.58 15.64 5.20
N PHE A 849 -41.25 16.88 5.56
CA PHE A 849 -42.12 17.71 6.40
C PHE A 849 -42.69 18.95 5.72
N LEU A 850 -42.09 19.36 4.61
CA LEU A 850 -42.60 20.49 3.83
C LEU A 850 -43.14 20.04 2.49
N GLY A 851 -42.93 18.77 2.15
CA GLY A 851 -43.39 18.21 0.87
C GLY A 851 -42.52 18.65 -0.29
N ALA A 852 -42.30 17.72 -1.22
CA ALA A 852 -41.47 17.98 -2.40
C ALA A 852 -42.35 18.30 -3.60
N MET A 853 -42.52 19.60 -3.88
CA MET A 853 -43.38 20.07 -4.96
C MET A 853 -42.79 19.79 -6.35
N TYR A 854 -41.47 19.62 -6.41
CA TYR A 854 -40.70 19.48 -7.65
C TYR A 854 -40.74 18.08 -8.31
N THR A 855 -41.40 17.13 -7.67
CA THR A 855 -41.45 15.75 -8.16
C THR A 855 -42.60 15.50 -9.16
N LEU A 856 -43.52 16.45 -9.25
CA LEU A 856 -44.64 16.38 -10.19
C LEU A 856 -44.21 16.70 -11.62
N ARG B 308 -4.49 -8.18 -12.82
CA ARG B 308 -4.13 -9.48 -13.47
C ARG B 308 -2.89 -10.13 -12.85
N LYS B 309 -1.91 -9.29 -12.49
CA LYS B 309 -0.65 -9.76 -11.93
C LYS B 309 -0.13 -8.83 -10.81
N PRO B 310 0.71 -9.37 -9.90
CA PRO B 310 1.30 -8.57 -8.81
C PRO B 310 2.18 -7.44 -9.36
N PRO B 311 2.64 -6.52 -8.49
CA PRO B 311 3.72 -5.63 -8.92
C PRO B 311 4.96 -6.46 -9.25
N LYS B 312 5.75 -6.01 -10.22
CA LYS B 312 6.85 -6.83 -10.75
C LYS B 312 7.99 -7.05 -9.76
N GLY B 313 8.33 -8.32 -9.53
CA GLY B 313 9.37 -8.68 -8.57
C GLY B 313 8.82 -9.15 -7.23
N MET B 314 7.60 -8.72 -6.92
CA MET B 314 6.87 -9.20 -5.76
C MET B 314 6.38 -10.61 -6.03
N PHE B 315 6.55 -11.50 -5.06
CA PHE B 315 6.13 -12.88 -5.23
C PHE B 315 4.94 -13.24 -4.35
N LEU B 316 3.82 -13.56 -5.00
CA LEU B 316 2.55 -13.81 -4.33
C LEU B 316 1.77 -14.89 -5.05
N SER B 317 2.22 -16.14 -4.94
CA SER B 317 1.50 -17.25 -5.52
C SER B 317 0.43 -17.71 -4.55
N GLN B 318 -0.73 -18.12 -5.08
CA GLN B 318 -1.84 -18.63 -4.27
C GLN B 318 -1.33 -19.64 -3.23
N GLU B 319 -0.46 -20.54 -3.70
CA GLU B 319 0.15 -21.59 -2.89
C GLU B 319 0.93 -21.07 -1.68
N ASP B 320 1.79 -20.08 -1.91
CA ASP B 320 2.65 -19.52 -0.86
C ASP B 320 1.86 -18.79 0.22
N VAL B 321 0.85 -18.04 -0.21
CA VAL B 321 0.01 -17.25 0.71
C VAL B 321 -0.62 -18.16 1.76
N GLU B 322 -1.12 -19.30 1.31
CA GLU B 322 -1.74 -20.31 2.18
C GLU B 322 -0.76 -20.93 3.17
N ALA B 323 0.49 -21.05 2.74
CA ALA B 323 1.55 -21.68 3.53
C ALA B 323 2.02 -20.82 4.71
N VAL B 324 2.08 -19.52 4.49
CA VAL B 324 2.57 -18.59 5.52
C VAL B 324 1.45 -18.25 6.52
N SER B 325 0.21 -18.48 6.10
CA SER B 325 -0.97 -18.13 6.90
C SER B 325 -1.67 -19.35 7.53
N ALA B 326 -1.11 -20.54 7.33
CA ALA B 326 -1.70 -21.79 7.84
C ALA B 326 -1.90 -21.81 9.37
N ASN B 327 -1.01 -21.14 10.09
CA ASN B 327 -1.20 -20.87 11.53
C ASN B 327 -0.58 -19.55 11.97
N ALA B 328 -0.28 -19.42 13.26
CA ALA B 328 0.27 -18.18 13.82
C ALA B 328 1.73 -17.96 13.45
N THR B 329 2.56 -18.98 13.66
CA THR B 329 4.00 -18.89 13.41
C THR B 329 4.47 -19.78 12.23
N ALA B 330 3.51 -20.24 11.42
CA ALA B 330 3.82 -20.92 10.16
C ALA B 330 4.69 -20.03 9.27
N ALA B 331 4.60 -18.73 9.51
CA ALA B 331 5.48 -17.74 8.92
C ALA B 331 6.92 -18.00 9.37
N THR B 332 7.14 -17.95 10.69
CA THR B 332 8.48 -18.10 11.28
C THR B 332 9.02 -19.52 11.09
N THR B 333 8.11 -20.49 11.00
CA THR B 333 8.47 -21.89 10.74
C THR B 333 9.15 -22.03 9.37
N VAL B 334 8.44 -21.65 8.31
CA VAL B 334 8.93 -21.76 6.93
C VAL B 334 10.20 -20.91 6.69
N LEU B 335 10.26 -19.74 7.31
CA LEU B 335 11.45 -18.88 7.24
C LEU B 335 12.67 -19.47 7.96
N ARG B 336 12.44 -20.41 8.86
CA ARG B 336 13.53 -21.10 9.56
C ARG B 336 13.99 -22.35 8.82
N GLN B 337 13.05 -23.09 8.24
CA GLN B 337 13.38 -24.23 7.38
C GLN B 337 14.36 -23.83 6.28
N LEU B 338 14.15 -22.65 5.71
CA LEU B 338 15.01 -22.12 4.65
C LEU B 338 16.31 -21.56 5.21
N ASP B 339 16.25 -20.96 6.41
CA ASP B 339 17.44 -20.47 7.10
C ASP B 339 18.40 -21.60 7.43
N MET B 340 17.86 -22.75 7.82
CA MET B 340 18.65 -23.95 8.06
C MET B 340 19.09 -24.62 6.75
N GLU B 341 18.18 -24.67 5.77
CA GLU B 341 18.50 -25.20 4.44
C GLU B 341 19.65 -24.45 3.78
N LEU B 342 19.75 -23.15 4.08
CA LEU B 342 20.84 -22.32 3.58
C LEU B 342 22.15 -22.67 4.26
N VAL B 343 22.17 -22.66 5.59
CA VAL B 343 23.35 -23.01 6.38
C VAL B 343 23.83 -24.44 6.04
N SER B 344 22.88 -25.34 5.87
CA SER B 344 23.14 -26.72 5.47
C SER B 344 23.90 -26.80 4.14
N VAL B 345 23.44 -26.04 3.16
CA VAL B 345 24.08 -25.99 1.84
C VAL B 345 25.40 -25.22 1.90
N LYS B 346 25.45 -24.19 2.75
CA LYS B 346 26.60 -23.31 2.83
C LYS B 346 27.86 -24.01 3.34
N ARG B 347 27.68 -24.89 4.33
CA ARG B 347 28.80 -25.68 4.86
C ARG B 347 29.16 -26.82 3.92
N GLN B 348 28.16 -27.34 3.20
CA GLN B 348 28.37 -28.35 2.17
C GLN B 348 29.23 -27.78 1.05
N ILE B 349 29.08 -26.48 0.79
CA ILE B 349 29.92 -25.76 -0.17
C ILE B 349 31.38 -25.75 0.26
N GLN B 350 31.63 -25.39 1.52
CA GLN B 350 32.99 -25.35 2.06
C GLN B 350 33.61 -26.72 2.23
N ASN B 351 32.76 -27.73 2.35
CA ASN B 351 33.20 -29.12 2.44
C ASN B 351 33.78 -29.62 1.12
N ILE B 352 33.08 -29.34 0.02
CA ILE B 352 33.54 -29.69 -1.32
C ILE B 352 34.65 -28.75 -1.77
N LYS B 353 34.58 -27.49 -1.35
CA LYS B 353 35.64 -26.51 -1.60
C LYS B 353 36.94 -27.01 -0.96
N GLN B 354 36.81 -27.60 0.22
CA GLN B 354 37.93 -28.20 0.94
C GLN B 354 38.46 -29.44 0.23
N THR B 355 37.55 -30.36 -0.12
CA THR B 355 37.91 -31.59 -0.83
C THR B 355 38.59 -31.31 -2.17
N ASN B 356 38.00 -30.40 -2.96
CA ASN B 356 38.56 -30.01 -4.25
C ASN B 356 39.90 -29.29 -4.14
N SER B 357 40.14 -28.62 -3.02
CA SER B 357 41.42 -27.96 -2.77
C SER B 357 42.55 -28.98 -2.61
N ALA B 358 42.26 -30.08 -1.91
CA ALA B 358 43.22 -31.17 -1.74
C ALA B 358 43.49 -31.90 -3.05
N LEU B 359 42.42 -32.20 -3.80
CA LEU B 359 42.54 -32.81 -5.12
C LEU B 359 43.33 -31.93 -6.09
N LYS B 360 43.14 -30.61 -5.98
CA LYS B 360 43.86 -29.64 -6.80
C LYS B 360 45.36 -29.71 -6.56
N GLU B 361 45.75 -29.93 -5.31
CA GLU B 361 47.17 -29.93 -4.95
C GLU B 361 47.88 -31.22 -5.34
N LYS B 362 47.13 -32.33 -5.40
CA LYS B 362 47.68 -33.60 -5.87
C LYS B 362 47.94 -33.59 -7.38
N LEU B 363 47.30 -32.64 -8.07
CA LEU B 363 47.53 -32.43 -9.50
C LEU B 363 48.64 -31.42 -9.76
N ASP B 364 49.40 -31.06 -8.72
CA ASP B 364 50.41 -30.01 -8.83
C ASP B 364 51.58 -30.39 -9.74
N GLY B 365 51.98 -29.43 -10.57
CA GLY B 365 53.02 -29.63 -11.57
C GLY B 365 52.45 -30.05 -12.91
N GLY B 366 51.16 -30.39 -12.91
CA GLY B 366 50.48 -30.89 -14.11
C GLY B 366 51.08 -32.20 -14.58
N ILE B 367 50.96 -32.46 -15.88
CA ILE B 367 51.61 -33.62 -16.50
C ILE B 367 52.87 -33.18 -17.25
N GLU B 368 53.62 -32.25 -16.66
CA GLU B 368 54.76 -31.64 -17.35
C GLU B 368 56.00 -32.53 -17.49
N PRO B 369 56.46 -33.15 -16.39
CA PRO B 369 57.60 -34.06 -16.56
C PRO B 369 57.17 -35.40 -17.16
N TYR B 370 56.17 -35.38 -18.03
CA TYR B 370 55.59 -36.61 -18.57
C TYR B 370 55.29 -36.51 -20.06
N ARG B 371 55.29 -35.30 -20.61
CA ARG B 371 55.07 -35.11 -22.05
C ARG B 371 56.31 -35.45 -22.85
N LEU B 372 56.09 -36.11 -23.99
CA LEU B 372 57.17 -36.47 -24.90
C LEU B 372 57.13 -35.59 -26.14
N PRO B 373 58.28 -34.97 -26.48
CA PRO B 373 58.45 -34.10 -27.65
C PRO B 373 57.81 -34.68 -28.92
N GLU B 374 57.43 -33.79 -29.84
CA GLU B 374 56.63 -34.17 -31.00
C GLU B 374 57.41 -34.87 -32.11
N VAL B 375 56.91 -36.04 -32.52
CA VAL B 375 57.46 -36.78 -33.64
C VAL B 375 56.87 -36.21 -34.94
N ILE B 376 57.66 -35.38 -35.61
CA ILE B 376 57.25 -34.78 -36.88
C ILE B 376 57.87 -35.55 -38.04
N GLN B 377 57.11 -36.47 -38.63
CA GLN B 377 57.59 -37.25 -39.77
C GLN B 377 56.61 -37.28 -40.93
N LYS B 378 57.14 -37.11 -42.14
CA LYS B 378 56.33 -37.02 -43.35
C LYS B 378 55.76 -38.37 -43.77
N CYS B 379 54.50 -38.34 -44.18
CA CYS B 379 53.73 -39.54 -44.50
C CYS B 379 54.20 -40.22 -45.80
N ASN B 380 54.71 -41.44 -45.65
CA ASN B 380 55.26 -42.22 -46.76
C ASN B 380 54.22 -43.18 -47.37
N ALA B 381 54.53 -43.70 -48.56
CA ALA B 381 53.60 -44.59 -49.27
C ALA B 381 54.02 -46.06 -49.26
N ARG B 382 55.33 -46.31 -49.17
CA ARG B 382 55.86 -47.67 -49.20
C ARG B 382 55.95 -48.32 -47.81
N TRP B 383 55.82 -49.64 -47.79
CA TRP B 383 55.82 -50.40 -46.55
C TRP B 383 57.11 -51.14 -46.34
N THR B 384 57.99 -50.58 -45.53
CA THR B 384 59.13 -51.33 -45.06
C THR B 384 58.57 -52.48 -44.23
N THR B 385 59.18 -53.65 -44.35
CA THR B 385 58.77 -54.81 -43.57
C THR B 385 58.59 -54.43 -42.10
N GLU B 386 59.44 -53.53 -41.61
CA GLU B 386 59.30 -52.93 -40.28
C GLU B 386 57.88 -52.42 -40.06
N GLU B 387 57.44 -51.53 -40.95
CA GLU B 387 56.13 -50.87 -40.85
C GLU B 387 54.97 -51.87 -40.92
N GLN B 388 55.09 -52.85 -41.80
CA GLN B 388 54.10 -53.92 -41.90
C GLN B 388 53.98 -54.70 -40.59
N LEU B 389 55.13 -54.98 -39.97
CA LEU B 389 55.18 -55.75 -38.73
C LEU B 389 54.68 -54.94 -37.54
N LEU B 390 55.00 -53.64 -37.55
CA LEU B 390 54.42 -52.72 -36.58
C LEU B 390 52.89 -52.73 -36.69
N ALA B 391 52.39 -52.69 -37.92
CA ALA B 391 50.96 -52.70 -38.22
C ALA B 391 50.24 -53.94 -37.67
N VAL B 392 50.73 -55.12 -38.02
CA VAL B 392 50.14 -56.37 -37.55
C VAL B 392 49.98 -56.39 -36.02
N GLN B 393 50.97 -55.88 -35.31
CA GLN B 393 50.92 -55.83 -33.86
C GLN B 393 49.95 -54.78 -33.36
N ALA B 394 49.88 -53.67 -34.09
CA ALA B 394 48.95 -52.59 -33.77
C ALA B 394 47.51 -53.05 -33.92
N ILE B 395 47.23 -53.76 -35.01
CA ILE B 395 45.92 -54.38 -35.23
C ILE B 395 45.60 -55.31 -34.06
N ARG B 396 46.59 -56.11 -33.65
CA ARG B 396 46.45 -57.03 -32.50
C ARG B 396 46.15 -56.28 -31.21
N LYS B 397 46.51 -55.01 -31.15
CA LYS B 397 46.35 -54.21 -29.94
C LYS B 397 45.24 -53.16 -30.04
N TYR B 398 44.79 -52.85 -31.25
CA TYR B 398 43.84 -51.74 -31.43
C TYR B 398 42.58 -52.04 -32.26
N GLY B 399 42.63 -53.13 -33.02
CA GLY B 399 41.48 -53.55 -33.84
C GLY B 399 41.25 -52.68 -35.05
N ARG B 400 40.22 -51.85 -34.99
CA ARG B 400 39.85 -50.98 -36.11
C ARG B 400 40.12 -49.51 -35.82
N ASP B 401 40.81 -49.22 -34.73
CA ASP B 401 41.22 -47.87 -34.41
C ASP B 401 42.33 -47.45 -35.37
N PHE B 402 41.93 -47.12 -36.60
CA PHE B 402 42.87 -46.80 -37.68
C PHE B 402 43.72 -45.60 -37.33
N GLN B 403 43.20 -44.72 -36.47
CA GLN B 403 43.92 -43.55 -36.02
C GLN B 403 45.10 -43.95 -35.13
N ALA B 404 44.84 -44.83 -34.16
CA ALA B 404 45.87 -45.35 -33.26
C ALA B 404 46.93 -46.13 -34.03
N ILE B 405 46.49 -47.05 -34.88
CA ILE B 405 47.39 -47.82 -35.74
C ILE B 405 48.25 -46.90 -36.60
N SER B 406 47.65 -45.83 -37.13
CA SER B 406 48.37 -44.82 -37.91
C SER B 406 49.41 -44.08 -37.09
N ASP B 407 49.10 -43.78 -35.84
CA ASP B 407 50.00 -43.06 -34.95
C ASP B 407 51.18 -43.91 -34.52
N VAL B 408 50.93 -45.21 -34.33
CA VAL B 408 51.96 -46.18 -33.96
C VAL B 408 52.96 -46.37 -35.10
N ILE B 409 52.45 -46.67 -36.30
CA ILE B 409 53.30 -46.81 -37.49
C ILE B 409 54.00 -45.48 -37.83
N GLY B 410 53.42 -44.38 -37.39
CA GLY B 410 54.08 -43.08 -37.45
C GLY B 410 53.99 -42.33 -38.76
N ASN B 411 54.26 -43.04 -39.87
CA ASN B 411 54.29 -42.40 -41.20
C ASN B 411 53.30 -43.00 -42.21
N LYS B 412 52.12 -43.40 -41.73
CA LYS B 412 51.07 -43.88 -42.61
C LYS B 412 49.75 -43.19 -42.31
N SER B 413 49.10 -42.69 -43.36
CA SER B 413 47.82 -41.99 -43.22
C SER B 413 46.71 -42.97 -42.86
N VAL B 414 45.68 -42.45 -42.20
CA VAL B 414 44.54 -43.23 -41.71
C VAL B 414 43.90 -44.09 -42.80
N VAL B 415 44.05 -43.66 -44.05
CA VAL B 415 43.50 -44.38 -45.20
C VAL B 415 44.44 -45.48 -45.68
N GLN B 416 45.75 -45.19 -45.72
CA GLN B 416 46.75 -46.19 -46.07
C GLN B 416 46.67 -47.37 -45.12
N VAL B 417 46.35 -47.07 -43.86
CA VAL B 417 46.09 -48.08 -42.82
C VAL B 417 44.89 -48.93 -43.23
N LYS B 418 43.81 -48.28 -43.64
CA LYS B 418 42.60 -48.98 -44.11
C LYS B 418 42.86 -49.78 -45.40
N ASN B 419 43.68 -49.21 -46.28
CA ASN B 419 44.13 -49.89 -47.49
C ASN B 419 44.88 -51.18 -47.14
N PHE B 420 45.85 -51.05 -46.25
CA PHE B 420 46.63 -52.16 -45.70
C PHE B 420 45.72 -53.34 -45.30
N PHE B 421 44.59 -53.02 -44.68
CA PHE B 421 43.63 -54.02 -44.21
C PHE B 421 43.09 -54.92 -45.32
N VAL B 422 42.96 -54.38 -46.52
CA VAL B 422 42.40 -55.13 -47.64
C VAL B 422 43.51 -55.73 -48.49
N ASN B 423 44.65 -55.04 -48.54
CA ASN B 423 45.80 -55.50 -49.33
C ASN B 423 46.45 -56.75 -48.73
N TYR B 424 46.92 -56.64 -47.49
CA TYR B 424 47.63 -57.72 -46.82
C TYR B 424 46.68 -58.54 -45.95
N ARG B 425 45.41 -58.51 -46.33
CA ARG B 425 44.33 -59.20 -45.62
C ARG B 425 44.57 -60.70 -45.50
N ARG B 426 44.94 -61.33 -46.60
CA ARG B 426 45.14 -62.78 -46.65
C ARG B 426 46.49 -63.18 -46.06
N ARG B 427 47.52 -62.42 -46.42
CA ARG B 427 48.91 -62.73 -46.06
C ARG B 427 49.20 -62.53 -44.57
N PHE B 428 48.53 -61.58 -43.93
CA PHE B 428 48.70 -61.35 -42.50
C PHE B 428 47.52 -61.81 -41.66
N ASN B 429 46.73 -62.74 -42.21
CA ASN B 429 45.55 -63.30 -41.55
C ASN B 429 44.82 -62.30 -40.66
N ILE B 430 44.60 -61.10 -41.18
CA ILE B 430 44.02 -59.99 -40.41
C ILE B 430 42.65 -60.37 -39.82
N ASP B 431 41.97 -61.32 -40.47
CA ASP B 431 40.74 -61.90 -39.94
C ASP B 431 40.99 -62.52 -38.56
N GLU B 432 42.00 -63.37 -38.47
CA GLU B 432 42.38 -64.02 -37.21
C GLU B 432 42.89 -63.02 -36.18
N VAL B 433 43.69 -62.07 -36.64
CA VAL B 433 44.26 -61.05 -35.76
C VAL B 433 43.14 -60.21 -35.14
N LEU B 434 42.19 -59.78 -35.96
CA LEU B 434 41.07 -58.98 -35.50
C LEU B 434 40.14 -59.76 -34.58
N GLN B 435 39.91 -61.04 -34.89
CA GLN B 435 39.03 -61.89 -34.08
C GLN B 435 39.64 -62.20 -32.71
N GLU B 436 40.96 -62.05 -32.60
CA GLU B 436 41.66 -62.22 -31.33
C GLU B 436 41.74 -60.92 -30.53
N TRP B 437 41.63 -59.80 -31.22
CA TRP B 437 41.51 -58.50 -30.58
C TRP B 437 40.19 -58.40 -29.87
N GLU B 438 39.15 -58.93 -30.53
CA GLU B 438 37.80 -58.98 -29.96
C GLU B 438 37.70 -59.93 -28.77
N ALA B 439 38.57 -60.93 -28.74
CA ALA B 439 38.62 -61.91 -27.66
C ALA B 439 39.10 -61.33 -26.32
N GLU B 440 39.32 -60.01 -26.29
CA GLU B 440 39.73 -59.31 -25.07
C GLU B 440 38.76 -58.18 -24.73
PA D70 C . -18.69 16.66 15.29
O1A D70 C . -18.01 15.83 16.36
O2A D70 C . -17.96 17.84 14.67
O5B D70 C . -20.08 17.24 15.85
C5B D70 C . -20.83 16.53 16.84
C4B D70 C . -21.18 17.46 17.98
O4B D70 C . -22.02 16.80 18.93
C3B D70 C . -19.96 17.92 18.76
O3B D70 C . -19.96 19.34 18.78
C2B D70 C . -20.14 17.35 20.16
O2B D70 C . -19.65 18.25 21.16
C1B D70 C . -21.65 17.21 20.23
N9A D70 C . -22.14 16.21 21.20
C8A D70 C . -21.60 15.01 21.51
N7A D70 C . -22.35 14.37 22.44
C5A D70 C . -23.39 15.17 22.74
C6A D70 C . -24.56 15.12 23.63
N6A D70 C . -24.77 14.04 24.43
N1A D70 C . -25.41 16.18 23.64
C2A D70 C . -25.21 17.28 22.84
N3A D70 C . -24.17 17.39 22.01
C4A D70 C . -23.25 16.39 21.92
N1 D70 C . -11.42 16.65 8.37
C2 D70 C . -10.96 17.40 7.32
O2 D70 C . -11.75 17.78 6.43
N3 D70 C . -9.66 17.76 7.27
C4 D70 C . -8.80 17.36 8.21
O4 D70 C . -7.59 17.71 8.13
C4X D70 C . -9.08 16.09 8.95
N5 D70 C . -8.26 16.18 10.19
C5X D70 C . -8.71 15.80 11.40
C6 D70 C . -7.85 15.81 12.50
C7 D70 C . -8.31 15.44 13.76
C7M D70 C . -7.34 15.46 14.92
C8 D70 C . -9.73 15.03 13.94
C8M D70 C . -10.25 14.63 15.28
C9 D70 C . -10.60 15.02 12.84
C9A D70 C . -10.14 15.39 11.57
N10 D70 C . -10.98 15.41 10.42
C10 D70 C . -10.54 16.19 9.32
C1' D70 C . -12.35 14.88 10.51
C2' D70 C . -13.38 15.98 10.75
O2' D70 C . -12.90 16.84 11.80
C3' D70 C . -14.72 15.40 11.17
O3' D70 C . -15.11 14.40 10.23
C4' D70 C . -15.84 16.44 11.24
O4' D70 C . -15.37 17.66 11.83
C5' D70 C . -16.98 15.86 12.07
O5' D70 C . -18.14 16.69 12.01
P D70 C . -19.54 16.14 12.62
O1P D70 C . -19.91 14.88 11.88
O2P D70 C . -20.49 17.32 12.66
O3P D70 C . -19.19 15.67 14.12
CAH D70 C . -7.02 15.35 6.22
CAD D70 C . -5.76 15.19 5.65
CAB D70 C . -4.80 14.43 6.32
CAE D70 C . -5.10 13.83 7.54
CAI D70 C . -6.36 13.99 8.11
CAP D70 C . -7.34 14.75 7.46
CAM D70 C . -8.61 14.91 8.04
CAL D70 C . -9.63 14.15 7.18
CAO D70 C . -9.30 12.65 7.02
NAA D70 C . -8.96 11.93 8.10
CAN D70 C . -9.38 11.97 5.66
CAQ D70 C . -10.16 10.82 5.76
#